data_3LXM
#
_entry.id   3LXM
#
_cell.length_a   67.620
_cell.length_b   120.409
_cell.length_c   126.698
_cell.angle_alpha   90.00
_cell.angle_beta   90.00
_cell.angle_gamma   90.00
#
_symmetry.space_group_name_H-M   'P 21 21 21'
#
loop_
_entity.id
_entity.type
_entity.pdbx_description
1 polymer 'Aspartate carbamoyltransferase'
2 non-polymer 'TETRAETHYLENE GLYCOL'
3 water water
#
_entity_poly.entity_id   1
_entity_poly.type   'polypeptide(L)'
_entity_poly.pdbx_seq_one_letter_code
;MHHHHHHSSGVDLGTENLYFQSNAMANPLYHKHIISINDLSRDELELVLRTAASLKKTPQPELLKHKVIASCFFEASTRT
RLSFETSIHRLGASVVGFSDSSNTSLGKKGETLADTMSVISTYVDAIVMRHPQEGASRLAAQFSGNVPIVNAGDGANQHP
TQTLLDLFTIQETQGRLDNINIAMVGDLKYGRTVHSLTQALAKFNGNHFFFIAPDALAMPAYILQMLEEKEIEYSLHESL
EEVVPELDILYMTRVQKERLDPSEYANVKAQFILRSSDLTGARDNLKVLHPLPRIDEITTDVDKTPYAYYFQQAGNGIFA
RQALLALVLNAELAL
;
_entity_poly.pdbx_strand_id   A,B,C
#
# COMPACT_ATOMS: atom_id res chain seq x y z
N ALA A 26 -7.06 -16.08 -26.36
CA ALA A 26 -7.35 -17.50 -26.74
C ALA A 26 -6.33 -18.39 -26.05
N ASN A 27 -5.38 -17.78 -25.36
CA ASN A 27 -4.33 -18.50 -24.63
C ASN A 27 -5.05 -19.35 -23.55
N PRO A 28 -4.55 -20.56 -23.29
CA PRO A 28 -5.25 -21.46 -22.40
C PRO A 28 -5.38 -20.99 -20.93
N LEU A 29 -4.65 -19.95 -20.53
CA LEU A 29 -4.78 -19.47 -19.14
C LEU A 29 -5.68 -18.24 -18.98
N TYR A 30 -6.24 -17.76 -20.09
CA TYR A 30 -7.09 -16.60 -20.09
C TYR A 30 -8.30 -16.84 -19.20
N HIS A 31 -8.52 -15.93 -18.26
CA HIS A 31 -9.65 -15.98 -17.35
C HIS A 31 -9.74 -17.31 -16.63
N LYS A 32 -8.59 -17.78 -16.14
CA LYS A 32 -8.47 -19.02 -15.39
C LYS A 32 -7.81 -18.70 -14.07
N HIS A 33 -8.28 -19.34 -13.02
CA HIS A 33 -7.66 -19.23 -11.72
C HIS A 33 -6.35 -20.02 -11.74
N ILE A 34 -5.37 -19.55 -11.01
CA ILE A 34 -4.08 -20.26 -10.92
C ILE A 34 -3.93 -20.68 -9.46
N ILE A 35 -4.22 -21.93 -9.16
CA ILE A 35 -4.32 -22.36 -7.78
C ILE A 35 -3.20 -23.35 -7.39
N SER A 36 -3.04 -24.40 -8.18
CA SER A 36 -1.99 -25.39 -7.97
C SER A 36 -1.16 -25.53 -9.26
N ILE A 37 0.16 -25.56 -9.10
CA ILE A 37 1.03 -25.75 -10.24
C ILE A 37 0.78 -27.11 -10.90
N ASN A 38 0.39 -28.12 -10.11
N ASN A 38 0.38 -28.11 -10.09
CA ASN A 38 0.17 -29.46 -10.69
CA ASN A 38 0.08 -29.46 -10.59
C ASN A 38 -1.03 -29.48 -11.64
C ASN A 38 -0.97 -29.44 -11.69
N ASP A 39 -1.83 -28.42 -11.65
CA ASP A 39 -2.94 -28.29 -12.60
C ASP A 39 -2.49 -27.84 -14.00
N LEU A 40 -1.24 -27.41 -14.16
CA LEU A 40 -0.81 -26.94 -15.47
C LEU A 40 -0.11 -28.05 -16.20
N SER A 41 -0.42 -28.20 -17.48
CA SER A 41 0.24 -29.18 -18.33
C SER A 41 1.68 -28.72 -18.63
N ARG A 42 2.52 -29.60 -19.15
CA ARG A 42 3.86 -29.20 -19.58
C ARG A 42 3.76 -28.04 -20.58
N ASP A 43 2.84 -28.10 -21.55
CA ASP A 43 2.65 -27.01 -22.53
C ASP A 43 2.30 -25.68 -21.84
N GLU A 44 1.48 -25.73 -20.82
CA GLU A 44 1.09 -24.49 -20.11
C GLU A 44 2.27 -23.96 -19.32
N LEU A 45 3.01 -24.84 -18.67
CA LEU A 45 4.20 -24.40 -17.96
C LEU A 45 5.19 -23.73 -18.94
N GLU A 46 5.41 -24.34 -20.10
CA GLU A 46 6.36 -23.74 -21.04
C GLU A 46 5.86 -22.37 -21.60
N LEU A 47 4.55 -22.24 -21.76
CA LEU A 47 3.97 -20.95 -22.15
C LEU A 47 4.26 -19.87 -21.13
N VAL A 48 4.05 -20.17 -19.86
CA VAL A 48 4.31 -19.19 -18.82
C VAL A 48 5.79 -18.80 -18.86
N LEU A 49 6.65 -19.79 -18.98
CA LEU A 49 8.09 -19.52 -18.97
C LEU A 49 8.55 -18.75 -20.21
N ARG A 50 8.02 -19.07 -21.37
CA ARG A 50 8.38 -18.34 -22.58
C ARG A 50 7.95 -16.85 -22.41
N THR A 51 6.78 -16.66 -21.82
CA THR A 51 6.21 -15.31 -21.56
C THR A 51 7.06 -14.55 -20.55
N ALA A 52 7.49 -15.23 -19.49
CA ALA A 52 8.39 -14.65 -18.52
C ALA A 52 9.73 -14.24 -19.16
N ALA A 53 10.30 -15.12 -19.96
CA ALA A 53 11.54 -14.81 -20.63
C ALA A 53 11.39 -13.56 -21.53
N SER A 54 10.25 -13.44 -22.19
CA SER A 54 10.00 -12.32 -23.09
C SER A 54 9.88 -11.01 -22.33
N LEU A 55 9.19 -11.05 -21.20
CA LEU A 55 9.03 -9.88 -20.35
C LEU A 55 10.36 -9.48 -19.69
N LYS A 56 11.21 -10.46 -19.37
CA LYS A 56 12.55 -10.16 -18.86
C LYS A 56 13.37 -9.44 -19.94
N LYS A 57 13.27 -9.91 -21.18
CA LYS A 57 14.04 -9.28 -22.25
C LYS A 57 13.44 -7.96 -22.67
N THR A 58 12.11 -7.92 -22.83
CA THR A 58 11.40 -6.71 -23.32
C THR A 58 10.20 -6.35 -22.44
N PRO A 59 10.40 -5.40 -21.52
CA PRO A 59 9.26 -5.15 -20.65
C PRO A 59 8.07 -4.61 -21.42
N GLN A 60 6.89 -4.73 -20.85
CA GLN A 60 5.67 -4.21 -21.47
C GLN A 60 4.97 -3.39 -20.39
N PRO A 61 5.48 -2.19 -20.13
CA PRO A 61 4.97 -1.45 -18.99
C PRO A 61 3.54 -0.93 -19.10
N GLU A 62 2.88 -1.12 -20.24
CA GLU A 62 1.50 -0.66 -20.35
C GLU A 62 0.52 -1.79 -20.67
N LEU A 63 0.96 -3.02 -20.57
CA LEU A 63 0.13 -4.15 -20.92
C LEU A 63 -1.20 -4.19 -20.13
N LEU A 64 -1.12 -3.96 -18.83
CA LEU A 64 -2.32 -3.98 -17.99
C LEU A 64 -2.71 -2.59 -17.53
N LYS A 65 -2.44 -1.61 -18.40
CA LYS A 65 -2.84 -0.26 -18.15
C LYS A 65 -4.34 -0.20 -17.87
N HIS A 66 -4.73 0.58 -16.86
CA HIS A 66 -6.11 0.70 -16.44
C HIS A 66 -6.70 -0.54 -15.74
N LYS A 67 -5.87 -1.50 -15.35
CA LYS A 67 -6.36 -2.65 -14.59
C LYS A 67 -6.05 -2.40 -13.11
N VAL A 68 -6.91 -2.88 -12.21
CA VAL A 68 -6.68 -2.79 -10.77
C VAL A 68 -6.63 -4.23 -10.30
N ILE A 69 -5.55 -4.56 -9.59
CA ILE A 69 -5.32 -5.90 -9.06
C ILE A 69 -5.26 -5.84 -7.54
N ALA A 70 -6.05 -6.69 -6.89
CA ALA A 70 -6.08 -6.70 -5.41
C ALA A 70 -4.94 -7.61 -4.91
N SER A 71 -4.17 -7.11 -3.95
CA SER A 71 -3.09 -7.85 -3.27
C SER A 71 -3.60 -8.14 -1.85
N CYS A 72 -4.15 -9.34 -1.65
CA CYS A 72 -4.83 -9.67 -0.41
C CYS A 72 -4.01 -10.63 0.40
N PHE A 73 -3.20 -10.07 1.30
CA PHE A 73 -2.35 -10.90 2.11
C PHE A 73 -2.91 -11.05 3.49
N PHE A 74 -3.49 -12.22 3.78
CA PHE A 74 -4.06 -12.46 5.08
C PHE A 74 -3.03 -12.87 6.14
N GLU A 75 -1.77 -12.94 5.75
CA GLU A 75 -0.68 -13.11 6.70
C GLU A 75 0.46 -12.34 6.07
N ALA A 76 1.36 -11.80 6.88
CA ALA A 76 2.47 -11.01 6.36
C ALA A 76 3.35 -11.93 5.51
N SER A 77 3.66 -11.53 4.31
CA SER A 77 4.57 -12.37 3.54
C SER A 77 5.19 -11.42 2.62
N THR A 78 6.02 -10.56 3.24
CA THR A 78 6.64 -9.41 2.65
C THR A 78 7.40 -9.63 1.36
N ARG A 79 8.27 -10.63 1.31
CA ARG A 79 8.97 -10.91 0.05
C ARG A 79 8.02 -11.28 -1.10
N THR A 80 7.15 -12.25 -0.88
CA THR A 80 6.21 -12.61 -1.92
C THR A 80 5.26 -11.45 -2.27
N ARG A 81 4.80 -10.71 -1.27
CA ARG A 81 3.86 -9.60 -1.54
C ARG A 81 4.57 -8.51 -2.42
N LEU A 82 5.79 -8.15 -2.04
CA LEU A 82 6.50 -7.10 -2.77
C LEU A 82 6.77 -7.54 -4.20
N SER A 83 7.10 -8.82 -4.40
CA SER A 83 7.34 -9.35 -5.74
C SER A 83 6.07 -9.21 -6.54
N PHE A 84 4.93 -9.65 -6.00
CA PHE A 84 3.68 -9.51 -6.76
C PHE A 84 3.31 -8.06 -7.04
N GLU A 85 3.39 -7.19 -6.03
CA GLU A 85 3.03 -5.78 -6.26
C GLU A 85 3.95 -5.10 -7.28
N THR A 86 5.24 -5.42 -7.22
CA THR A 86 6.19 -4.89 -8.18
C THR A 86 5.77 -5.39 -9.59
N SER A 87 5.45 -6.66 -9.72
CA SER A 87 5.04 -7.25 -11.01
C SER A 87 3.84 -6.52 -11.60
N ILE A 88 2.85 -6.24 -10.76
CA ILE A 88 1.64 -5.56 -11.16
C ILE A 88 1.94 -4.18 -11.69
N HIS A 89 2.79 -3.45 -10.95
CA HIS A 89 3.20 -2.15 -11.39
C HIS A 89 4.03 -2.17 -12.68
N ARG A 90 4.84 -3.22 -12.83
CA ARG A 90 5.70 -3.29 -14.02
C ARG A 90 4.89 -3.46 -15.31
N LEU A 91 3.66 -3.92 -15.17
CA LEU A 91 2.76 -4.11 -16.31
C LEU A 91 1.82 -2.94 -16.45
N GLY A 92 1.94 -1.97 -15.56
CA GLY A 92 1.15 -0.77 -15.68
C GLY A 92 -0.18 -0.75 -14.96
N ALA A 93 -0.44 -1.77 -14.17
CA ALA A 93 -1.70 -1.85 -13.40
C ALA A 93 -1.52 -1.22 -12.00
N SER A 94 -2.63 -0.87 -11.39
CA SER A 94 -2.67 -0.35 -10.03
C SER A 94 -2.84 -1.51 -9.03
N VAL A 95 -2.38 -1.28 -7.81
CA VAL A 95 -2.50 -2.23 -6.75
C VAL A 95 -3.37 -1.70 -5.61
N VAL A 96 -4.33 -2.48 -5.16
CA VAL A 96 -5.01 -2.16 -3.90
C VAL A 96 -4.90 -3.39 -3.04
N GLY A 97 -4.76 -3.23 -1.73
CA GLY A 97 -4.68 -4.40 -0.92
C GLY A 97 -4.44 -4.20 0.55
N PHE A 98 -4.06 -5.30 1.16
CA PHE A 98 -3.77 -5.30 2.56
C PHE A 98 -2.64 -6.28 2.78
N SER A 99 -1.73 -5.88 3.65
CA SER A 99 -0.46 -6.63 3.77
C SER A 99 -0.46 -7.58 4.91
N ASP A 100 -1.56 -7.52 5.67
CA ASP A 100 -1.86 -8.44 6.74
C ASP A 100 -3.35 -8.37 7.04
N GLY A 110 -15.73 -14.25 12.27
CA GLY A 110 -15.72 -13.19 11.26
C GLY A 110 -16.35 -13.57 9.92
N GLU A 111 -16.18 -12.70 8.94
CA GLU A 111 -16.73 -12.89 7.59
C GLU A 111 -16.09 -14.07 6.85
N THR A 112 -16.87 -14.88 6.13
CA THR A 112 -16.26 -15.95 5.35
C THR A 112 -15.34 -15.37 4.28
N LEU A 113 -14.30 -16.12 3.92
CA LEU A 113 -13.40 -15.70 2.89
C LEU A 113 -14.17 -15.56 1.59
N ALA A 114 -15.07 -16.50 1.32
CA ALA A 114 -15.88 -16.44 0.09
C ALA A 114 -16.56 -15.05 -0.04
N ASP A 115 -17.14 -14.57 1.06
CA ASP A 115 -17.86 -13.31 1.10
C ASP A 115 -16.92 -12.14 0.84
N THR A 116 -15.73 -12.19 1.43
CA THR A 116 -14.73 -11.15 1.24
C THR A 116 -14.38 -11.08 -0.23
N MET A 117 -14.17 -12.23 -0.86
CA MET A 117 -13.78 -12.24 -2.25
C MET A 117 -14.98 -11.94 -3.19
N SER A 118 -16.21 -12.23 -2.77
CA SER A 118 -17.40 -11.90 -3.55
C SER A 118 -17.47 -10.36 -3.69
N VAL A 119 -17.14 -9.64 -2.62
CA VAL A 119 -17.13 -8.18 -2.66
C VAL A 119 -15.95 -7.68 -3.48
N ILE A 120 -14.75 -8.21 -3.21
CA ILE A 120 -13.57 -7.72 -3.91
C ILE A 120 -13.61 -8.00 -5.41
N SER A 121 -14.22 -9.11 -5.78
CA SER A 121 -14.44 -9.50 -7.15
C SER A 121 -15.31 -8.54 -7.95
N THR A 122 -16.11 -7.73 -7.24
CA THR A 122 -16.89 -6.75 -7.93
C THR A 122 -16.10 -5.48 -8.23
N TYR A 123 -14.99 -5.29 -7.46
N TYR A 123 -14.93 -5.22 -7.70
CA TYR A 123 -14.11 -4.10 -7.49
CA TYR A 123 -14.34 -3.95 -8.15
C TYR A 123 -12.94 -4.08 -8.49
C TYR A 123 -12.88 -4.04 -8.62
N VAL A 124 -12.29 -5.23 -8.62
CA VAL A 124 -10.97 -5.35 -9.25
C VAL A 124 -11.02 -6.29 -10.44
N ASP A 125 -9.96 -6.28 -11.25
CA ASP A 125 -9.82 -7.15 -12.44
C ASP A 125 -9.15 -8.51 -12.17
N ALA A 126 -8.42 -8.59 -11.07
CA ALA A 126 -7.78 -9.86 -10.66
C ALA A 126 -7.44 -9.78 -9.20
N ILE A 127 -7.23 -10.94 -8.60
CA ILE A 127 -6.96 -11.04 -7.17
C ILE A 127 -5.78 -11.95 -6.85
N VAL A 128 -4.79 -11.40 -6.19
CA VAL A 128 -3.68 -12.17 -5.66
C VAL A 128 -4.03 -12.44 -4.20
N MET A 129 -4.04 -13.70 -3.81
N MET A 129 -4.03 -13.70 -3.84
CA MET A 129 -4.50 -14.05 -2.50
CA MET A 129 -4.46 -14.10 -2.55
C MET A 129 -3.59 -15.02 -1.76
C MET A 129 -3.53 -15.03 -1.78
N ARG A 130 -3.17 -14.61 -0.56
CA ARG A 130 -2.37 -15.44 0.34
C ARG A 130 -3.16 -15.60 1.62
N HIS A 131 -3.34 -16.85 2.10
CA HIS A 131 -4.13 -17.09 3.35
C HIS A 131 -3.46 -18.22 4.09
N PRO A 132 -3.18 -18.05 5.37
CA PRO A 132 -2.50 -19.10 6.09
C PRO A 132 -3.38 -20.32 6.48
N GLN A 133 -4.70 -20.18 6.43
CA GLN A 133 -5.59 -21.28 6.83
C GLN A 133 -6.53 -21.79 5.73
N GLU A 134 -7.07 -20.90 4.95
CA GLU A 134 -8.05 -21.28 3.96
C GLU A 134 -7.46 -21.86 2.70
N GLY A 135 -8.19 -22.80 2.10
CA GLY A 135 -7.77 -23.42 0.86
C GLY A 135 -8.19 -22.60 -0.36
N ALA A 136 -7.25 -22.39 -1.27
CA ALA A 136 -7.50 -21.55 -2.46
C ALA A 136 -8.39 -22.31 -3.45
N SER A 137 -8.26 -23.62 -3.47
CA SER A 137 -9.09 -24.45 -4.32
C SER A 137 -10.61 -24.32 -4.05
N ARG A 138 -11.02 -24.44 -2.79
CA ARG A 138 -12.42 -24.30 -2.41
C ARG A 138 -12.97 -22.93 -2.73
N LEU A 139 -12.14 -21.94 -2.48
CA LEU A 139 -12.51 -20.55 -2.70
C LEU A 139 -12.75 -20.31 -4.16
N ALA A 140 -11.82 -20.77 -4.98
CA ALA A 140 -11.87 -20.49 -6.40
C ALA A 140 -12.97 -21.22 -7.15
N ALA A 141 -13.30 -22.44 -6.73
CA ALA A 141 -14.38 -23.20 -7.36
C ALA A 141 -15.69 -22.45 -7.38
N GLN A 142 -15.84 -21.43 -6.54
CA GLN A 142 -17.07 -20.70 -6.43
C GLN A 142 -17.10 -19.50 -7.34
N PHE A 143 -15.97 -19.18 -7.96
CA PHE A 143 -15.90 -18.00 -8.81
C PHE A 143 -15.57 -18.30 -10.26
N SER A 144 -16.16 -17.54 -11.17
CA SER A 144 -15.79 -17.74 -12.54
C SER A 144 -14.40 -17.11 -12.67
N GLY A 145 -13.69 -17.48 -13.70
CA GLY A 145 -12.37 -16.92 -13.88
C GLY A 145 -12.35 -15.56 -14.55
N ASN A 146 -13.50 -14.94 -14.71
CA ASN A 146 -13.57 -13.60 -15.34
C ASN A 146 -12.82 -12.56 -14.50
N VAL A 147 -12.74 -12.83 -13.20
CA VAL A 147 -11.85 -12.08 -12.29
C VAL A 147 -10.92 -13.15 -11.70
N PRO A 148 -9.79 -13.39 -12.39
CA PRO A 148 -8.90 -14.48 -11.97
C PRO A 148 -8.27 -14.33 -10.60
N ILE A 149 -8.20 -15.45 -9.90
CA ILE A 149 -7.62 -15.53 -8.60
C ILE A 149 -6.27 -16.23 -8.73
N VAL A 150 -5.21 -15.55 -8.31
CA VAL A 150 -3.87 -16.14 -8.30
C VAL A 150 -3.49 -16.45 -6.87
N ASN A 151 -3.26 -17.72 -6.59
CA ASN A 151 -2.89 -18.19 -5.25
C ASN A 151 -1.43 -17.85 -4.93
N ALA A 152 -1.21 -17.05 -3.90
CA ALA A 152 0.13 -16.65 -3.50
C ALA A 152 0.58 -17.47 -2.31
N GLY A 153 -0.18 -18.50 -1.93
CA GLY A 153 0.17 -19.38 -0.82
C GLY A 153 -1.09 -19.56 0.02
N ASP A 154 -1.52 -20.81 0.23
CA ASP A 154 -2.76 -21.04 0.97
C ASP A 154 -2.62 -22.00 2.13
N GLY A 155 -3.75 -22.42 2.70
CA GLY A 155 -3.74 -23.26 3.89
C GLY A 155 -3.16 -24.63 3.67
N ALA A 156 -3.22 -25.09 2.45
CA ALA A 156 -2.69 -26.41 2.04
C ALA A 156 -1.25 -26.32 1.59
N ASN A 157 -0.65 -25.15 1.71
CA ASN A 157 0.71 -24.92 1.29
C ASN A 157 0.94 -24.99 -0.24
N GLN A 158 -0.10 -24.76 -1.03
CA GLN A 158 0.06 -24.66 -2.47
C GLN A 158 0.62 -23.24 -2.72
N HIS A 159 1.69 -23.16 -3.51
CA HIS A 159 2.33 -21.86 -3.78
C HIS A 159 2.82 -21.95 -5.21
N PRO A 160 1.90 -21.87 -6.18
CA PRO A 160 2.26 -22.14 -7.59
C PRO A 160 3.33 -21.20 -8.18
N THR A 161 3.33 -19.94 -7.77
CA THR A 161 4.27 -19.00 -8.36
C THR A 161 5.70 -19.22 -7.81
N GLN A 162 5.84 -19.82 -6.62
CA GLN A 162 7.17 -20.20 -6.17
C GLN A 162 7.75 -21.27 -7.12
N THR A 163 6.93 -22.25 -7.42
CA THR A 163 7.34 -23.30 -8.33
C THR A 163 7.62 -22.80 -9.73
N LEU A 164 6.77 -21.89 -10.22
CA LEU A 164 7.02 -21.27 -11.50
C LEU A 164 8.34 -20.51 -11.55
N LEU A 165 8.64 -19.74 -10.51
CA LEU A 165 9.85 -19.04 -10.57
C LEU A 165 11.09 -19.97 -10.46
N ASP A 166 10.94 -21.05 -9.70
CA ASP A 166 12.03 -22.07 -9.56
C ASP A 166 12.27 -22.71 -10.94
N LEU A 167 11.19 -23.11 -11.61
CA LEU A 167 11.27 -23.65 -12.93
C LEU A 167 11.89 -22.68 -13.96
N PHE A 168 11.46 -21.42 -13.93
CA PHE A 168 12.00 -20.42 -14.81
C PHE A 168 13.50 -20.23 -14.59
N THR A 169 13.92 -20.24 -13.35
CA THR A 169 15.33 -20.12 -12.95
C THR A 169 16.18 -21.32 -13.46
N ILE A 170 15.65 -22.51 -13.35
CA ILE A 170 16.35 -23.70 -13.91
C ILE A 170 16.45 -23.58 -15.44
N GLN A 171 15.33 -23.23 -16.09
CA GLN A 171 15.32 -23.09 -17.54
C GLN A 171 16.25 -22.03 -18.07
N GLU A 172 16.27 -20.88 -17.43
N GLU A 172 16.24 -20.88 -17.40
CA GLU A 172 17.11 -19.81 -17.93
CA GLU A 172 17.10 -19.76 -17.75
C GLU A 172 18.61 -20.03 -17.64
C GLU A 172 18.58 -20.13 -17.67
N THR A 173 18.96 -20.69 -16.54
CA THR A 173 20.36 -20.94 -16.28
C THR A 173 20.90 -22.22 -16.96
N GLN A 174 20.05 -23.21 -17.21
CA GLN A 174 20.46 -24.45 -17.78
C GLN A 174 20.09 -24.59 -19.28
N GLY A 175 19.21 -23.71 -19.75
CA GLY A 175 18.77 -23.68 -21.13
C GLY A 175 17.66 -24.66 -21.43
N ARG A 176 17.16 -25.41 -20.44
CA ARG A 176 16.20 -26.45 -20.72
C ARG A 176 15.63 -26.95 -19.41
N LEU A 177 14.54 -27.71 -19.48
CA LEU A 177 13.98 -28.37 -18.29
C LEU A 177 14.03 -29.91 -18.38
N ASP A 178 14.68 -30.41 -19.42
CA ASP A 178 14.91 -31.82 -19.69
C ASP A 178 16.37 -32.12 -19.39
N ASN A 179 16.70 -33.36 -19.11
CA ASN A 179 18.10 -33.77 -18.89
C ASN A 179 18.85 -32.95 -17.86
N ILE A 180 18.18 -32.62 -16.75
CA ILE A 180 18.77 -31.86 -15.64
C ILE A 180 19.11 -32.80 -14.48
N ASN A 181 20.31 -32.68 -13.91
CA ASN A 181 20.69 -33.35 -12.69
C ASN A 181 20.45 -32.36 -11.59
N ILE A 182 19.45 -32.63 -10.76
CA ILE A 182 19.05 -31.72 -9.69
C ILE A 182 19.01 -32.43 -8.31
N ALA A 183 19.71 -31.86 -7.34
CA ALA A 183 19.66 -32.31 -5.99
C ALA A 183 18.73 -31.41 -5.17
N MET A 184 17.99 -32.04 -4.25
CA MET A 184 17.07 -31.35 -3.33
C MET A 184 17.57 -31.82 -1.98
N VAL A 185 18.02 -30.86 -1.18
CA VAL A 185 18.71 -31.09 0.06
C VAL A 185 18.02 -30.43 1.27
N GLY A 186 17.85 -31.20 2.34
CA GLY A 186 17.23 -30.72 3.57
C GLY A 186 15.97 -31.47 3.97
N ASP A 187 14.88 -30.74 4.13
CA ASP A 187 13.61 -31.31 4.54
C ASP A 187 12.79 -31.62 3.31
N LEU A 188 12.73 -32.89 2.96
CA LEU A 188 11.99 -33.28 1.79
C LEU A 188 10.62 -33.85 2.16
N LYS A 189 10.23 -33.79 3.42
CA LYS A 189 8.93 -34.40 3.80
C LYS A 189 7.86 -33.33 3.98
N TYR A 190 8.20 -32.30 4.73
CA TYR A 190 7.18 -31.37 5.11
C TYR A 190 7.09 -30.03 4.38
N GLY A 191 8.00 -29.76 3.46
CA GLY A 191 7.90 -28.51 2.64
C GLY A 191 7.19 -28.84 1.35
N ARG A 192 5.99 -28.30 1.12
CA ARG A 192 5.32 -28.69 -0.08
C ARG A 192 6.01 -28.18 -1.35
N THR A 193 6.68 -27.04 -1.27
CA THR A 193 7.27 -26.49 -2.50
C THR A 193 8.32 -27.41 -3.17
N VAL A 194 9.07 -28.18 -2.39
CA VAL A 194 10.04 -29.07 -2.96
C VAL A 194 9.25 -30.20 -3.67
N HIS A 195 8.09 -30.59 -3.10
CA HIS A 195 7.24 -31.63 -3.74
C HIS A 195 6.65 -31.17 -5.05
N SER A 196 6.13 -29.93 -5.09
CA SER A 196 5.52 -29.40 -6.29
C SER A 196 6.60 -29.22 -7.39
N LEU A 197 7.80 -28.81 -6.99
CA LEU A 197 8.91 -28.68 -7.97
C LEU A 197 9.26 -30.03 -8.59
N THR A 198 9.30 -31.07 -7.75
CA THR A 198 9.56 -32.41 -8.22
C THR A 198 8.46 -32.86 -9.17
N GLN A 199 7.21 -32.64 -8.80
CA GLN A 199 6.10 -33.01 -9.65
C GLN A 199 6.12 -32.30 -11.02
N ALA A 200 6.39 -31.01 -11.02
CA ALA A 200 6.47 -30.23 -12.24
C ALA A 200 7.66 -30.71 -13.12
N LEU A 201 8.83 -30.88 -12.52
CA LEU A 201 9.99 -31.40 -13.29
C LEU A 201 9.78 -32.78 -13.86
N ALA A 202 8.97 -33.60 -13.19
CA ALA A 202 8.63 -34.93 -13.67
C ALA A 202 7.73 -34.93 -14.90
N LYS A 203 7.26 -33.76 -15.35
CA LYS A 203 6.47 -33.62 -16.60
C LYS A 203 7.40 -33.43 -17.79
N PHE A 204 8.70 -33.36 -17.49
CA PHE A 204 9.75 -33.27 -18.52
C PHE A 204 10.56 -34.57 -18.57
N ASN A 205 11.51 -34.66 -19.50
CA ASN A 205 12.24 -35.89 -19.77
C ASN A 205 13.71 -35.91 -19.36
N GLY A 206 14.16 -37.08 -18.95
CA GLY A 206 15.60 -37.30 -18.67
C GLY A 206 16.17 -36.67 -17.41
N ASN A 207 15.29 -36.21 -16.55
CA ASN A 207 15.74 -35.58 -15.32
C ASN A 207 16.18 -36.64 -14.28
N HIS A 208 17.20 -36.33 -13.49
CA HIS A 208 17.73 -37.24 -12.47
C HIS A 208 17.69 -36.45 -11.16
N PHE A 209 16.90 -36.95 -10.20
CA PHE A 209 16.76 -36.31 -8.91
C PHE A 209 17.67 -36.99 -7.90
N PHE A 210 18.38 -36.16 -7.14
CA PHE A 210 19.26 -36.60 -6.09
C PHE A 210 18.63 -36.08 -4.79
N PHE A 211 18.12 -37.00 -3.99
CA PHE A 211 17.45 -36.61 -2.74
C PHE A 211 18.38 -36.84 -1.55
N ILE A 212 18.66 -35.75 -0.86
CA ILE A 212 19.61 -35.76 0.24
C ILE A 212 18.89 -35.25 1.48
N ALA A 213 18.46 -36.18 2.32
CA ALA A 213 17.71 -35.84 3.53
C ALA A 213 17.92 -36.87 4.64
N PRO A 214 17.72 -36.44 5.89
CA PRO A 214 17.77 -37.39 6.96
C PRO A 214 16.57 -38.31 6.81
N ASP A 215 16.66 -39.49 7.43
CA ASP A 215 15.55 -40.43 7.38
C ASP A 215 14.21 -39.87 7.75
N ALA A 216 14.16 -39.01 8.76
CA ALA A 216 12.87 -38.50 9.24
C ALA A 216 12.25 -37.54 8.27
N LEU A 217 13.06 -37.06 7.33
CA LEU A 217 12.57 -36.08 6.38
C LEU A 217 12.67 -36.54 4.92
N ALA A 218 12.61 -37.84 4.70
CA ALA A 218 12.69 -38.40 3.38
C ALA A 218 11.59 -37.95 2.40
N MET A 219 11.96 -37.71 1.15
CA MET A 219 10.96 -37.48 0.15
C MET A 219 9.84 -38.55 0.31
N PRO A 220 8.56 -38.14 0.33
CA PRO A 220 7.51 -39.13 0.60
C PRO A 220 7.36 -40.21 -0.45
N ALA A 221 6.81 -41.33 -0.05
CA ALA A 221 6.60 -42.44 -0.95
C ALA A 221 5.65 -42.07 -2.09
N TYR A 222 4.73 -41.13 -1.82
CA TYR A 222 3.75 -40.77 -2.84
C TYR A 222 4.57 -40.10 -3.99
N ILE A 223 5.60 -39.34 -3.67
CA ILE A 223 6.42 -38.76 -4.74
C ILE A 223 7.27 -39.85 -5.48
N LEU A 224 7.94 -40.73 -4.73
CA LEU A 224 8.77 -41.76 -5.36
C LEU A 224 7.97 -42.71 -6.28
N GLN A 225 6.76 -43.06 -5.88
CA GLN A 225 5.95 -43.95 -6.70
C GLN A 225 5.59 -43.31 -8.05
N MET A 226 5.30 -42.03 -8.02
CA MET A 226 5.01 -41.29 -9.23
C MET A 226 6.24 -41.29 -10.16
N LEU A 227 7.41 -41.04 -9.59
CA LEU A 227 8.65 -41.07 -10.37
C LEU A 227 8.91 -42.45 -10.98
N GLU A 228 8.67 -43.51 -10.23
CA GLU A 228 8.87 -44.86 -10.77
C GLU A 228 7.85 -45.16 -11.86
N GLU A 229 6.61 -44.74 -11.66
CA GLU A 229 5.58 -44.96 -12.67
C GLU A 229 6.01 -44.33 -13.99
N LYS A 230 6.58 -43.15 -13.91
CA LYS A 230 7.06 -42.43 -15.09
C LYS A 230 8.48 -42.83 -15.52
N GLU A 231 9.14 -43.73 -14.78
CA GLU A 231 10.52 -44.19 -15.08
C GLU A 231 11.50 -43.03 -15.04
N ILE A 232 11.35 -42.20 -14.04
CA ILE A 232 12.20 -41.05 -13.87
C ILE A 232 13.27 -41.46 -12.87
N GLU A 233 14.52 -41.22 -13.21
CA GLU A 233 15.57 -41.67 -12.35
C GLU A 233 15.70 -40.85 -11.09
N TYR A 234 15.91 -41.48 -9.95
CA TYR A 234 16.21 -40.72 -8.72
C TYR A 234 17.14 -41.56 -7.89
N SER A 235 17.86 -40.96 -6.98
CA SER A 235 18.70 -41.73 -6.06
C SER A 235 18.79 -40.96 -4.79
N LEU A 236 18.98 -41.68 -3.69
CA LEU A 236 19.13 -41.10 -2.37
C LEU A 236 20.59 -41.08 -1.94
N HIS A 237 21.01 -39.99 -1.29
CA HIS A 237 22.37 -39.89 -0.78
C HIS A 237 22.39 -39.32 0.65
N GLU A 238 23.32 -39.78 1.45
CA GLU A 238 23.45 -39.34 2.83
C GLU A 238 24.04 -37.96 2.95
N SER A 239 24.82 -37.58 1.93
CA SER A 239 25.46 -36.29 1.93
C SER A 239 25.55 -35.65 0.53
N LEU A 240 25.61 -34.34 0.55
CA LEU A 240 25.76 -33.58 -0.63
C LEU A 240 27.11 -33.84 -1.32
N GLU A 241 28.14 -34.01 -0.51
CA GLU A 241 29.49 -34.19 -0.99
C GLU A 241 29.65 -35.37 -1.96
N GLU A 242 28.77 -36.35 -1.89
CA GLU A 242 28.84 -37.50 -2.77
C GLU A 242 28.42 -37.20 -4.23
N VAL A 243 27.63 -36.18 -4.47
CA VAL A 243 27.07 -35.92 -5.81
C VAL A 243 27.31 -34.54 -6.42
N VAL A 244 27.95 -33.64 -5.67
CA VAL A 244 28.12 -32.29 -6.20
C VAL A 244 28.71 -32.27 -7.63
N PRO A 245 29.71 -33.10 -7.90
CA PRO A 245 30.36 -32.99 -9.25
C PRO A 245 29.41 -33.19 -10.43
N GLU A 246 28.31 -33.93 -10.27
CA GLU A 246 27.39 -34.17 -11.38
C GLU A 246 26.13 -33.30 -11.43
N LEU A 247 25.99 -32.38 -10.48
CA LEU A 247 24.81 -31.54 -10.45
C LEU A 247 24.82 -30.33 -11.38
N ASP A 248 23.64 -30.09 -11.96
CA ASP A 248 23.37 -28.83 -12.70
C ASP A 248 22.69 -27.81 -11.77
N ILE A 249 21.81 -28.32 -10.91
CA ILE A 249 21.06 -27.53 -9.89
C ILE A 249 21.18 -28.18 -8.50
N LEU A 250 21.51 -27.35 -7.52
CA LEU A 250 21.55 -27.71 -6.12
C LEU A 250 20.46 -26.86 -5.45
N TYR A 251 19.35 -27.51 -5.16
CA TYR A 251 18.20 -26.86 -4.54
C TYR A 251 18.18 -27.17 -3.03
N MET A 252 18.49 -26.14 -2.26
CA MET A 252 18.59 -26.19 -0.80
C MET A 252 17.25 -25.82 -0.24
N THR A 253 16.69 -26.65 0.62
CA THR A 253 15.36 -26.36 1.17
C THR A 253 15.47 -25.58 2.42
N ARG A 254 14.37 -24.94 2.79
CA ARG A 254 14.31 -24.09 3.98
C ARG A 254 14.11 -24.88 5.30
N TYR A 265 16.96 -31.61 15.14
CA TYR A 265 17.16 -30.41 14.34
C TYR A 265 18.61 -29.90 14.39
N ALA A 266 19.25 -30.08 15.56
CA ALA A 266 20.64 -29.71 15.76
C ALA A 266 21.54 -30.48 14.80
N ASN A 267 21.32 -31.80 14.75
CA ASN A 267 22.04 -32.69 13.83
C ASN A 267 21.76 -32.37 12.39
N VAL A 268 20.50 -32.08 12.11
CA VAL A 268 20.06 -31.80 10.74
C VAL A 268 20.71 -30.52 10.20
N LYS A 269 20.63 -29.44 10.97
CA LYS A 269 21.31 -28.22 10.56
C LYS A 269 22.77 -28.60 10.40
N ALA A 270 23.37 -29.06 11.50
CA ALA A 270 24.78 -29.41 11.57
C ALA A 270 25.35 -30.07 10.33
N GLN A 271 24.75 -31.15 9.84
CA GLN A 271 25.37 -31.84 8.70
C GLN A 271 24.83 -31.58 7.31
N PHE A 272 23.81 -30.73 7.16
CA PHE A 272 23.29 -30.46 5.81
C PHE A 272 23.48 -28.99 5.36
N ILE A 273 24.22 -28.19 6.16
CA ILE A 273 24.51 -26.80 5.80
C ILE A 273 25.46 -26.76 4.64
N LEU A 274 25.22 -25.89 3.65
CA LEU A 274 26.13 -25.75 2.49
C LEU A 274 27.17 -24.64 2.71
N ARG A 275 28.44 -24.96 2.47
CA ARG A 275 29.55 -24.02 2.59
C ARG A 275 30.25 -23.95 1.28
N SER A 276 31.01 -22.88 1.01
CA SER A 276 31.70 -22.79 -0.29
C SER A 276 32.66 -23.93 -0.52
N SER A 277 33.28 -24.49 0.52
CA SER A 277 34.20 -25.64 0.39
C SER A 277 33.52 -26.80 -0.27
N ASP A 278 32.21 -26.92 -0.01
CA ASP A 278 31.44 -28.02 -0.53
C ASP A 278 31.31 -27.98 -2.03
N LEU A 279 31.64 -26.83 -2.63
CA LEU A 279 31.39 -26.63 -4.05
C LEU A 279 32.62 -26.79 -4.90
N THR A 280 33.67 -27.31 -4.31
CA THR A 280 34.85 -27.59 -5.07
C THR A 280 34.48 -28.82 -5.89
N GLY A 281 34.94 -28.84 -7.11
CA GLY A 281 34.70 -29.99 -7.98
C GLY A 281 33.40 -29.90 -8.71
N ALA A 282 32.73 -28.76 -8.65
CA ALA A 282 31.42 -28.58 -9.27
C ALA A 282 31.50 -28.35 -10.81
N ARG A 283 30.40 -28.65 -11.50
CA ARG A 283 30.22 -28.24 -12.87
C ARG A 283 30.20 -26.70 -12.95
N ASP A 284 30.75 -26.15 -14.04
N ASP A 284 30.75 -26.10 -13.99
CA ASP A 284 30.79 -24.70 -14.30
CA ASP A 284 30.77 -24.64 -14.03
C ASP A 284 29.40 -24.07 -14.34
C ASP A 284 29.41 -24.03 -14.36
N ASN A 285 28.45 -24.87 -14.76
CA ASN A 285 27.10 -24.41 -14.95
C ASN A 285 26.21 -24.58 -13.71
N LEU A 286 26.76 -25.13 -12.63
CA LEU A 286 25.99 -25.35 -11.39
C LEU A 286 25.40 -24.06 -10.87
N LYS A 287 24.12 -24.10 -10.52
CA LYS A 287 23.49 -22.99 -9.81
C LYS A 287 22.88 -23.54 -8.51
N VAL A 288 23.17 -22.82 -7.44
CA VAL A 288 22.61 -23.08 -6.12
C VAL A 288 21.36 -22.19 -5.93
N LEU A 289 20.26 -22.86 -5.67
CA LEU A 289 18.97 -22.26 -5.46
C LEU A 289 18.50 -22.47 -4.04
N HIS A 290 17.60 -21.58 -3.60
CA HIS A 290 17.01 -21.64 -2.25
C HIS A 290 15.77 -20.74 -2.29
N PRO A 291 14.57 -21.23 -1.87
CA PRO A 291 13.39 -20.37 -1.95
C PRO A 291 13.36 -19.16 -1.04
N LEU A 292 14.19 -19.20 -0.01
CA LEU A 292 14.40 -18.17 0.98
C LEU A 292 13.27 -18.14 2.07
N PRO A 293 13.56 -17.66 3.25
CA PRO A 293 14.86 -17.15 3.65
C PRO A 293 15.81 -18.25 3.98
N ARG A 294 17.10 -17.98 3.86
CA ARG A 294 18.07 -18.91 4.27
C ARG A 294 18.48 -18.34 5.62
N ILE A 295 18.54 -19.19 6.61
CA ILE A 295 19.04 -18.76 7.91
C ILE A 295 20.33 -19.47 7.99
N ASP A 296 20.30 -20.77 8.14
CA ASP A 296 21.56 -21.43 8.33
C ASP A 296 21.98 -22.45 7.29
N GLU A 297 21.10 -22.76 6.35
CA GLU A 297 21.37 -23.79 5.37
C GLU A 297 22.48 -23.41 4.38
N ILE A 298 22.67 -22.12 4.09
CA ILE A 298 23.72 -21.67 3.17
C ILE A 298 24.55 -20.59 3.86
N THR A 299 25.82 -20.89 4.06
CA THR A 299 26.73 -19.93 4.69
C THR A 299 26.93 -18.75 3.75
N THR A 300 27.24 -17.59 4.32
CA THR A 300 27.38 -16.39 3.49
C THR A 300 28.56 -16.51 2.54
N ASP A 301 29.51 -17.40 2.79
CA ASP A 301 30.66 -17.48 1.87
C ASP A 301 30.30 -18.07 0.51
N VAL A 302 29.14 -18.70 0.41
CA VAL A 302 28.69 -19.24 -0.85
C VAL A 302 28.22 -18.11 -1.77
N ASP A 303 27.84 -16.97 -1.17
CA ASP A 303 27.22 -15.86 -1.91
C ASP A 303 28.13 -15.28 -2.99
N LYS A 304 29.42 -15.30 -2.75
CA LYS A 304 30.36 -14.75 -3.71
C LYS A 304 30.81 -15.77 -4.75
N THR A 305 30.42 -17.03 -4.62
CA THR A 305 30.87 -18.03 -5.60
C THR A 305 30.11 -17.82 -6.91
N PRO A 306 30.61 -18.41 -8.01
CA PRO A 306 29.88 -18.29 -9.28
C PRO A 306 28.61 -19.07 -9.28
N TYR A 307 28.45 -19.95 -8.31
CA TYR A 307 27.29 -20.83 -8.29
C TYR A 307 26.05 -20.26 -7.61
N ALA A 308 26.23 -19.29 -6.72
CA ALA A 308 25.11 -18.71 -5.95
C ALA A 308 24.11 -18.08 -6.88
N TYR A 309 22.84 -18.49 -6.80
CA TYR A 309 21.82 -17.91 -7.64
C TYR A 309 20.48 -17.75 -6.92
N TYR A 310 20.49 -17.78 -5.57
CA TYR A 310 19.23 -17.61 -4.81
C TYR A 310 18.66 -16.18 -4.88
N PHE A 311 19.49 -15.14 -4.93
CA PHE A 311 18.95 -13.79 -5.07
C PHE A 311 18.41 -13.55 -6.48
N GLN A 312 19.14 -14.08 -7.49
CA GLN A 312 18.70 -13.93 -8.89
C GLN A 312 17.41 -14.70 -9.10
N GLN A 313 17.34 -15.85 -8.46
CA GLN A 313 16.17 -16.68 -8.44
C GLN A 313 14.98 -15.86 -7.92
N ALA A 314 15.15 -15.21 -6.78
CA ALA A 314 14.10 -14.36 -6.21
C ALA A 314 13.72 -13.25 -7.23
N GLY A 315 14.72 -12.65 -7.85
CA GLY A 315 14.44 -11.63 -8.86
C GLY A 315 13.60 -12.18 -10.01
N ASN A 316 13.79 -13.44 -10.36
CA ASN A 316 13.03 -14.10 -11.43
C ASN A 316 11.56 -14.24 -11.07
N GLY A 317 11.22 -14.10 -9.78
CA GLY A 317 9.82 -14.09 -9.39
C GLY A 317 9.04 -13.00 -10.09
N ILE A 318 9.68 -11.86 -10.33
CA ILE A 318 9.05 -10.72 -10.99
C ILE A 318 8.50 -11.15 -12.38
N PHE A 319 9.33 -11.89 -13.13
CA PHE A 319 9.01 -12.23 -14.54
C PHE A 319 8.03 -13.36 -14.55
N ALA A 320 8.17 -14.30 -13.62
CA ALA A 320 7.20 -15.38 -13.56
C ALA A 320 5.81 -14.85 -13.18
N ARG A 321 5.77 -13.93 -12.22
CA ARG A 321 4.48 -13.40 -11.74
C ARG A 321 3.87 -12.44 -12.76
N GLN A 322 4.69 -11.63 -13.42
CA GLN A 322 4.16 -10.82 -14.51
C GLN A 322 3.52 -11.66 -15.62
N ALA A 323 4.21 -12.74 -15.98
CA ALA A 323 3.80 -13.61 -17.08
C ALA A 323 2.44 -14.16 -16.78
N LEU A 324 2.26 -14.58 -15.53
CA LEU A 324 0.99 -15.13 -15.13
C LEU A 324 -0.11 -14.15 -15.15
N LEU A 325 0.11 -12.96 -14.60
CA LEU A 325 -0.90 -11.94 -14.58
C LEU A 325 -1.25 -11.53 -16.02
N ALA A 326 -0.21 -11.43 -16.85
CA ALA A 326 -0.42 -11.10 -18.27
C ALA A 326 -1.33 -12.13 -18.96
N LEU A 327 -1.02 -13.41 -18.78
CA LEU A 327 -1.75 -14.49 -19.42
C LEU A 327 -3.21 -14.63 -18.94
N VAL A 328 -3.46 -14.48 -17.64
CA VAL A 328 -4.83 -14.63 -17.17
C VAL A 328 -5.69 -13.46 -17.54
N LEU A 329 -5.10 -12.29 -17.78
CA LEU A 329 -5.90 -11.13 -18.11
C LEU A 329 -5.94 -10.71 -19.60
N ASN A 330 -5.10 -11.32 -20.43
CA ASN A 330 -5.07 -11.00 -21.87
C ASN A 330 -5.27 -12.24 -22.74
N ALA A 331 -6.29 -12.22 -23.54
CA ALA A 331 -6.64 -13.37 -24.38
C ALA A 331 -5.49 -13.66 -25.33
N GLU A 332 -5.07 -12.60 -26.02
CA GLU A 332 -3.99 -12.66 -26.98
C GLU A 332 -2.73 -12.11 -26.32
N LEU A 333 -1.59 -12.74 -26.51
CA LEU A 333 -0.38 -12.14 -25.97
C LEU A 333 0.71 -12.26 -27.04
N ALA A 334 1.03 -11.14 -27.70
CA ALA A 334 2.05 -11.11 -28.76
C ALA A 334 3.30 -10.34 -28.29
N ALA B 26 -18.88 26.57 -10.25
CA ALA B 26 -18.43 25.29 -9.64
C ALA B 26 -19.63 24.47 -9.20
N ASN B 27 -19.53 23.16 -9.29
CA ASN B 27 -20.64 22.36 -8.85
C ASN B 27 -20.71 22.68 -7.35
N PRO B 28 -21.87 22.49 -6.73
CA PRO B 28 -22.01 22.86 -5.32
C PRO B 28 -21.14 22.10 -4.33
N LEU B 29 -20.62 20.93 -4.69
CA LEU B 29 -19.78 20.16 -3.75
C LEU B 29 -18.27 20.47 -3.88
N TYR B 30 -17.89 21.34 -4.79
CA TYR B 30 -16.46 21.59 -5.00
C TYR B 30 -15.73 22.00 -3.70
N HIS B 31 -14.60 21.34 -3.41
CA HIS B 31 -13.82 21.56 -2.17
C HIS B 31 -14.68 21.60 -0.89
N LYS B 32 -15.82 20.93 -0.94
CA LYS B 32 -16.70 20.82 0.22
C LYS B 32 -16.27 19.57 1.00
N HIS B 33 -16.24 19.67 2.33
CA HIS B 33 -15.95 18.49 3.14
C HIS B 33 -17.22 17.65 3.17
N ILE B 34 -17.07 16.34 3.02
CA ILE B 34 -18.21 15.47 3.08
C ILE B 34 -18.12 14.64 4.37
N ILE B 35 -18.73 15.17 5.42
CA ILE B 35 -18.67 14.58 6.75
C ILE B 35 -19.93 13.81 7.13
N SER B 36 -21.08 14.45 6.94
CA SER B 36 -22.36 13.80 7.23
C SER B 36 -23.26 13.79 5.99
N ILE B 37 -24.05 12.73 5.85
CA ILE B 37 -25.00 12.64 4.73
C ILE B 37 -26.01 13.78 4.81
N ASN B 38 -26.34 14.20 6.05
CA ASN B 38 -27.29 15.29 6.32
C ASN B 38 -26.86 16.66 5.79
N ASP B 39 -25.57 16.83 5.58
CA ASP B 39 -25.04 18.08 5.06
C ASP B 39 -25.18 18.21 3.53
N LEU B 40 -25.91 17.28 2.92
CA LEU B 40 -26.21 17.33 1.48
C LEU B 40 -27.70 17.59 1.36
N SER B 41 -28.09 18.49 0.46
CA SER B 41 -29.51 18.74 0.21
C SER B 41 -30.05 17.63 -0.68
N ARG B 42 -31.36 17.60 -0.91
CA ARG B 42 -31.93 16.58 -1.80
C ARG B 42 -31.30 16.73 -3.19
N ASP B 43 -31.12 17.98 -3.62
CA ASP B 43 -30.52 18.28 -4.92
C ASP B 43 -29.10 17.81 -5.00
N GLU B 44 -28.38 17.95 -3.89
CA GLU B 44 -27.01 17.47 -3.86
C GLU B 44 -26.98 15.95 -3.88
N LEU B 45 -27.89 15.27 -3.19
CA LEU B 45 -27.86 13.80 -3.24
C LEU B 45 -28.09 13.37 -4.69
N GLU B 46 -29.14 13.93 -5.32
CA GLU B 46 -29.47 13.54 -6.68
C GLU B 46 -28.30 13.79 -7.60
N LEU B 47 -27.55 14.84 -7.36
CA LEU B 47 -26.36 15.09 -8.20
C LEU B 47 -25.30 14.01 -8.06
N VAL B 48 -25.03 13.63 -6.82
CA VAL B 48 -24.04 12.61 -6.57
C VAL B 48 -24.48 11.32 -7.25
N LEU B 49 -25.75 10.97 -7.07
CA LEU B 49 -26.32 9.77 -7.66
C LEU B 49 -26.28 9.78 -9.18
N ARG B 50 -26.55 10.91 -9.82
CA ARG B 50 -26.49 10.96 -11.28
C ARG B 50 -25.05 10.77 -11.73
N THR B 51 -24.16 11.39 -10.99
CA THR B 51 -22.72 11.30 -11.27
C THR B 51 -22.22 9.87 -11.13
N ALA B 52 -22.64 9.19 -10.07
CA ALA B 52 -22.30 7.79 -9.85
C ALA B 52 -22.84 6.91 -10.97
N ALA B 53 -24.08 7.13 -11.40
CA ALA B 53 -24.63 6.34 -12.52
C ALA B 53 -23.81 6.55 -13.81
N SER B 54 -23.38 7.80 -14.04
CA SER B 54 -22.63 8.10 -15.24
C SER B 54 -21.29 7.38 -15.21
N LEU B 55 -20.61 7.45 -14.07
CA LEU B 55 -19.31 6.81 -13.92
C LEU B 55 -19.38 5.28 -14.06
N LYS B 56 -20.47 4.68 -13.57
CA LYS B 56 -20.66 3.23 -13.72
C LYS B 56 -20.90 2.87 -15.18
N LYS B 57 -21.67 3.69 -15.88
CA LYS B 57 -21.92 3.41 -17.27
C LYS B 57 -20.69 3.67 -18.15
N THR B 58 -20.00 4.78 -17.90
CA THR B 58 -18.87 5.14 -18.73
C THR B 58 -17.74 5.67 -17.83
N PRO B 59 -16.75 4.80 -17.57
CA PRO B 59 -15.67 5.23 -16.68
C PRO B 59 -14.85 6.38 -17.26
N GLN B 60 -14.23 7.13 -16.36
CA GLN B 60 -13.37 8.25 -16.69
C GLN B 60 -12.05 8.03 -15.96
N PRO B 61 -11.24 7.12 -16.51
CA PRO B 61 -9.99 6.69 -15.88
C PRO B 61 -8.97 7.79 -15.66
N GLU B 62 -9.18 8.97 -16.24
CA GLU B 62 -8.20 10.02 -16.07
C GLU B 62 -8.76 11.32 -15.48
N LEU B 63 -9.95 11.27 -14.90
CA LEU B 63 -10.61 12.47 -14.37
C LEU B 63 -9.79 13.13 -13.29
N LEU B 64 -9.19 12.32 -12.41
CA LEU B 64 -8.38 12.84 -11.29
C LEU B 64 -6.89 12.60 -11.49
N LYS B 65 -6.47 12.61 -12.75
CA LYS B 65 -5.09 12.46 -13.07
C LYS B 65 -4.22 13.52 -12.36
N HIS B 66 -3.06 13.08 -11.89
CA HIS B 66 -2.13 13.96 -11.21
C HIS B 66 -2.61 14.39 -9.81
N LYS B 67 -3.72 13.85 -9.32
CA LYS B 67 -4.12 14.16 -7.95
C LYS B 67 -3.54 13.08 -7.00
N VAL B 68 -3.23 13.45 -5.76
CA VAL B 68 -2.76 12.47 -4.79
C VAL B 68 -3.73 12.64 -3.65
N ILE B 69 -4.33 11.54 -3.22
CA ILE B 69 -5.31 11.54 -2.20
C ILE B 69 -4.80 10.69 -1.05
N ALA B 70 -4.88 11.21 0.17
CA ALA B 70 -4.43 10.48 1.34
C ALA B 70 -5.57 9.60 1.84
N SER B 71 -5.23 8.39 2.22
CA SER B 71 -6.19 7.43 2.76
C SER B 71 -5.73 7.24 4.18
N CYS B 72 -6.38 7.95 5.09
CA CYS B 72 -5.99 7.97 6.48
C CYS B 72 -6.92 7.15 7.34
N PHE B 73 -6.64 5.86 7.47
CA PHE B 73 -7.47 5.00 8.30
C PHE B 73 -6.81 4.82 9.68
N PHE B 74 -7.21 5.70 10.61
CA PHE B 74 -6.69 5.65 11.96
C PHE B 74 -7.26 4.40 12.61
N GLU B 75 -8.42 4.05 12.11
CA GLU B 75 -9.11 2.85 12.51
C GLU B 75 -9.10 1.95 11.29
N ALA B 76 -8.63 0.71 11.45
CA ALA B 76 -8.63 -0.24 10.34
C ALA B 76 -10.05 -0.51 9.85
N SER B 77 -10.23 -0.53 8.54
CA SER B 77 -11.48 -0.92 7.97
C SER B 77 -11.15 -1.33 6.56
N THR B 78 -10.63 -2.56 6.41
CA THR B 78 -10.19 -3.08 5.12
C THR B 78 -11.22 -2.90 4.03
N ARG B 79 -12.46 -3.31 4.30
CA ARG B 79 -13.51 -3.24 3.28
C ARG B 79 -13.74 -1.84 2.73
N THR B 80 -13.82 -0.87 3.62
CA THR B 80 -14.05 0.49 3.19
C THR B 80 -12.80 1.11 2.54
N ARG B 81 -11.63 0.79 3.09
CA ARG B 81 -10.37 1.34 2.55
C ARG B 81 -10.16 0.82 1.13
N LEU B 82 -10.31 -0.48 0.91
CA LEU B 82 -10.13 -1.05 -0.42
C LEU B 82 -11.05 -0.42 -1.45
N SER B 83 -12.31 -0.23 -1.07
CA SER B 83 -13.28 0.45 -1.93
C SER B 83 -12.86 1.86 -2.31
N PHE B 84 -12.45 2.64 -1.31
CA PHE B 84 -12.01 3.98 -1.59
C PHE B 84 -10.74 4.00 -2.44
N GLU B 85 -9.78 3.16 -2.12
CA GLU B 85 -8.56 3.16 -2.90
C GLU B 85 -8.79 2.73 -4.34
N THR B 86 -9.64 1.73 -4.54
CA THR B 86 -9.98 1.32 -5.89
C THR B 86 -10.63 2.50 -6.63
N SER B 87 -11.58 3.19 -5.98
CA SER B 87 -12.26 4.37 -6.56
C SER B 87 -11.25 5.42 -6.99
N ILE B 88 -10.22 5.64 -6.18
CA ILE B 88 -9.22 6.64 -6.47
C ILE B 88 -8.40 6.21 -7.67
N HIS B 89 -7.98 4.97 -7.69
CA HIS B 89 -7.23 4.51 -8.83
C HIS B 89 -8.05 4.51 -10.11
N ARG B 90 -9.32 4.21 -10.00
CA ARG B 90 -10.16 4.15 -11.19
C ARG B 90 -10.33 5.52 -11.82
N LEU B 91 -10.09 6.58 -11.07
CA LEU B 91 -10.18 7.92 -11.58
C LEU B 91 -8.81 8.46 -11.98
N GLY B 92 -7.78 7.63 -11.86
CA GLY B 92 -6.44 7.99 -12.31
C GLY B 92 -5.57 8.71 -11.29
N ALA B 93 -6.04 8.81 -10.05
CA ALA B 93 -5.29 9.48 -8.98
C ALA B 93 -4.44 8.46 -8.21
N SER B 94 -3.49 8.96 -7.44
CA SER B 94 -2.60 8.13 -6.62
C SER B 94 -3.09 8.14 -5.20
N VAL B 95 -2.69 7.14 -4.43
CA VAL B 95 -3.08 7.05 -3.04
C VAL B 95 -1.84 6.95 -2.14
N VAL B 96 -1.82 7.71 -1.04
CA VAL B 96 -0.78 7.53 -0.04
C VAL B 96 -1.59 7.38 1.23
N GLY B 97 -1.15 6.58 2.17
CA GLY B 97 -1.89 6.52 3.41
C GLY B 97 -1.33 5.56 4.40
N PHE B 98 -2.16 5.29 5.41
CA PHE B 98 -1.91 4.30 6.46
C PHE B 98 -3.22 3.51 6.62
N SER B 99 -3.11 2.19 6.80
CA SER B 99 -4.29 1.31 6.85
C SER B 99 -4.82 1.13 8.28
N ASP B 100 -4.04 1.61 9.24
CA ASP B 100 -4.37 1.49 10.64
C ASP B 100 -3.45 2.47 11.36
N SER B 101 -3.84 2.90 12.56
CA SER B 101 -3.07 3.84 13.34
C SER B 101 -1.73 3.21 13.76
N THR B 112 -1.15 15.33 18.03
CA THR B 112 -2.22 16.31 17.83
C THR B 112 -2.78 16.32 16.39
N LEU B 113 -3.98 15.76 16.21
CA LEU B 113 -4.63 15.73 14.90
C LEU B 113 -4.55 17.08 14.18
N ALA B 114 -4.84 18.15 14.89
CA ALA B 114 -4.82 19.48 14.28
C ALA B 114 -3.57 19.65 13.43
N ASP B 115 -2.39 19.55 14.07
CA ASP B 115 -1.12 19.74 13.37
C ASP B 115 -0.91 18.67 12.30
N THR B 116 -1.19 17.41 12.61
CA THR B 116 -1.05 16.31 11.65
C THR B 116 -1.76 16.57 10.33
N MET B 117 -2.98 17.06 10.43
CA MET B 117 -3.78 17.39 9.26
C MET B 117 -3.28 18.72 8.68
N SER B 118 -2.80 19.63 9.54
CA SER B 118 -2.21 20.87 9.01
C SER B 118 -0.98 20.55 8.14
N VAL B 119 -0.25 19.46 8.43
CA VAL B 119 0.89 19.06 7.59
C VAL B 119 0.47 18.26 6.36
N ILE B 120 -0.31 17.19 6.57
CA ILE B 120 -0.75 16.30 5.48
C ILE B 120 -1.39 17.15 4.40
N SER B 121 -2.22 18.09 4.85
CA SER B 121 -2.95 18.93 3.92
C SER B 121 -2.05 19.82 3.06
N THR B 122 -0.77 19.94 3.41
CA THR B 122 0.15 20.71 2.60
C THR B 122 0.69 19.90 1.41
N TYR B 123 0.54 18.57 1.50
N TYR B 123 0.45 18.62 1.32
CA TYR B 123 1.04 17.58 0.52
CA TYR B 123 0.97 17.97 0.13
C TYR B 123 0.04 17.03 -0.49
C TYR B 123 0.02 16.96 -0.54
N VAL B 124 -1.21 16.81 -0.02
CA VAL B 124 -2.22 16.03 -0.76
C VAL B 124 -3.42 16.91 -1.19
N ASP B 125 -4.20 16.41 -2.17
CA ASP B 125 -5.31 17.17 -2.75
C ASP B 125 -6.62 16.90 -2.05
N ALA B 126 -6.71 15.77 -1.39
CA ALA B 126 -7.89 15.42 -0.62
C ALA B 126 -7.49 14.41 0.39
N ILE B 127 -8.28 14.33 1.46
CA ILE B 127 -8.04 13.38 2.55
C ILE B 127 -9.31 12.55 2.79
N VAL B 128 -9.17 11.23 2.72
CA VAL B 128 -10.21 10.31 3.07
C VAL B 128 -9.82 9.85 4.46
N MET B 129 -10.72 10.02 5.42
CA MET B 129 -10.42 9.69 6.78
C MET B 129 -11.41 8.80 7.47
N ARG B 130 -10.88 7.85 8.20
CA ARG B 130 -11.67 7.01 9.07
C ARG B 130 -11.00 7.02 10.44
N HIS B 131 -11.83 7.27 11.45
CA HIS B 131 -11.36 7.47 12.81
C HIS B 131 -12.36 6.88 13.81
N PRO B 132 -11.88 6.34 14.95
CA PRO B 132 -12.78 5.70 15.94
C PRO B 132 -13.73 6.63 16.75
N GLN B 133 -13.31 7.86 16.95
CA GLN B 133 -14.10 8.85 17.69
C GLN B 133 -14.94 9.76 16.79
N GLU B 134 -16.25 9.78 17.00
CA GLU B 134 -17.10 10.67 16.22
C GLU B 134 -16.64 12.11 16.46
N GLY B 135 -16.71 12.93 15.41
CA GLY B 135 -16.30 14.32 15.48
C GLY B 135 -14.91 14.57 14.97
N ALA B 136 -14.13 13.50 14.83
CA ALA B 136 -12.73 13.55 14.38
C ALA B 136 -12.57 14.06 12.94
N SER B 137 -13.43 13.60 12.06
CA SER B 137 -13.42 14.04 10.67
C SER B 137 -13.67 15.55 10.57
N ARG B 138 -14.70 16.02 11.27
CA ARG B 138 -15.01 17.45 11.33
C ARG B 138 -13.80 18.21 11.85
N LEU B 139 -13.11 17.69 12.86
CA LEU B 139 -11.93 18.36 13.43
C LEU B 139 -10.83 18.51 12.35
N ALA B 140 -10.56 17.42 11.62
CA ALA B 140 -9.59 17.44 10.55
C ALA B 140 -9.94 18.59 9.63
N ALA B 141 -11.24 18.67 9.31
CA ALA B 141 -11.76 19.67 8.39
C ALA B 141 -11.53 21.09 8.86
N GLN B 142 -11.57 21.33 10.17
CA GLN B 142 -11.39 22.68 10.68
C GLN B 142 -9.98 23.18 10.37
N PHE B 143 -9.05 22.23 10.17
CA PHE B 143 -7.64 22.56 9.95
C PHE B 143 -7.09 22.31 8.54
N SER B 144 -7.77 21.50 7.75
CA SER B 144 -7.32 21.14 6.41
C SER B 144 -7.32 22.26 5.34
N GLY B 145 -7.90 23.41 5.68
CA GLY B 145 -7.90 24.53 4.76
C GLY B 145 -8.72 24.27 3.52
N ASN B 146 -8.12 24.49 2.35
CA ASN B 146 -8.86 24.24 1.12
C ASN B 146 -8.82 22.78 0.69
N VAL B 147 -8.20 21.93 1.51
CA VAL B 147 -8.13 20.49 1.22
C VAL B 147 -9.36 19.77 1.78
N PRO B 148 -10.18 19.20 0.90
CA PRO B 148 -11.38 18.57 1.42
C PRO B 148 -11.19 17.22 2.12
N ILE B 149 -12.00 17.03 3.15
CA ILE B 149 -12.05 15.80 3.92
C ILE B 149 -13.30 15.06 3.51
N VAL B 150 -13.12 13.81 3.12
CA VAL B 150 -14.20 12.91 2.84
C VAL B 150 -14.13 11.86 3.95
N ASN B 151 -15.19 11.83 4.75
CA ASN B 151 -15.34 10.93 5.88
C ASN B 151 -15.71 9.51 5.46
N ALA B 152 -14.84 8.56 5.77
CA ALA B 152 -15.07 7.17 5.44
C ALA B 152 -15.64 6.49 6.69
N GLY B 153 -15.99 7.29 7.69
CA GLY B 153 -16.52 6.72 8.94
C GLY B 153 -15.89 7.43 10.13
N ASP B 154 -16.77 7.96 10.98
CA ASP B 154 -16.39 8.79 12.13
C ASP B 154 -17.16 8.19 13.31
N GLY B 155 -16.50 7.38 14.14
CA GLY B 155 -17.23 6.68 15.20
C GLY B 155 -18.10 5.62 14.52
N ALA B 156 -19.09 5.08 15.23
CA ALA B 156 -19.88 3.95 14.71
C ALA B 156 -21.14 4.26 13.87
N ASN B 157 -21.58 5.51 13.82
CA ASN B 157 -22.86 5.86 13.13
C ASN B 157 -22.75 6.70 11.86
N GLN B 158 -21.83 7.65 11.84
CA GLN B 158 -21.68 8.56 10.70
C GLN B 158 -20.83 7.96 9.56
N HIS B 159 -21.49 7.47 8.51
N HIS B 159 -21.48 7.47 8.52
CA HIS B 159 -20.83 6.82 7.36
CA HIS B 159 -20.79 6.86 7.37
C HIS B 159 -21.52 7.28 6.09
C HIS B 159 -21.50 7.28 6.09
N PRO B 160 -21.29 8.53 5.65
CA PRO B 160 -21.98 9.07 4.48
C PRO B 160 -21.90 8.28 3.18
N THR B 161 -20.74 7.68 2.86
CA THR B 161 -20.63 6.93 1.63
C THR B 161 -21.38 5.60 1.69
N GLN B 162 -21.59 5.05 2.89
CA GLN B 162 -22.43 3.86 3.03
C GLN B 162 -23.89 4.24 2.66
N THR B 163 -24.37 5.38 3.15
CA THR B 163 -25.76 5.82 2.87
C THR B 163 -25.90 6.11 1.38
N LEU B 164 -24.90 6.78 0.81
CA LEU B 164 -24.91 7.08 -0.58
C LEU B 164 -24.93 5.82 -1.46
N LEU B 165 -24.12 4.81 -1.13
CA LEU B 165 -24.11 3.60 -1.92
C LEU B 165 -25.45 2.85 -1.74
N ASP B 166 -26.06 2.94 -0.55
CA ASP B 166 -27.37 2.34 -0.31
C ASP B 166 -28.45 3.00 -1.20
N LEU B 167 -28.44 4.32 -1.22
CA LEU B 167 -29.36 5.11 -2.04
C LEU B 167 -29.15 4.86 -3.50
N PHE B 168 -27.89 4.89 -3.94
CA PHE B 168 -27.55 4.62 -5.30
C PHE B 168 -28.06 3.23 -5.74
N THR B 169 -27.91 2.23 -4.88
CA THR B 169 -28.33 0.87 -5.20
C THR B 169 -29.86 0.76 -5.33
N ILE B 170 -30.59 1.44 -4.46
CA ILE B 170 -32.07 1.46 -4.51
C ILE B 170 -32.51 2.12 -5.82
N GLN B 171 -31.90 3.27 -6.14
N GLN B 171 -31.91 3.26 -6.16
CA GLN B 171 -32.15 4.02 -7.35
CA GLN B 171 -32.24 3.98 -7.37
C GLN B 171 -31.91 3.21 -8.61
C GLN B 171 -31.92 3.19 -8.64
N GLU B 172 -30.77 2.54 -8.65
CA GLU B 172 -30.32 1.69 -9.78
C GLU B 172 -31.25 0.54 -10.02
N THR B 173 -31.63 -0.16 -8.94
CA THR B 173 -32.44 -1.34 -9.10
C THR B 173 -33.93 -1.07 -9.23
N GLN B 174 -34.41 0.06 -8.72
CA GLN B 174 -35.82 0.38 -8.75
C GLN B 174 -36.18 1.50 -9.72
N GLY B 175 -35.18 2.20 -10.22
CA GLY B 175 -35.36 3.34 -11.11
C GLY B 175 -35.84 4.62 -10.42
N ARG B 176 -35.86 4.65 -9.08
CA ARG B 176 -36.38 5.81 -8.36
C ARG B 176 -36.13 5.71 -6.85
N LEU B 177 -36.32 6.82 -6.15
CA LEU B 177 -36.21 6.83 -4.69
C LEU B 177 -37.54 7.19 -4.02
N ASP B 178 -38.59 7.39 -4.83
CA ASP B 178 -39.95 7.69 -4.44
C ASP B 178 -40.87 6.48 -4.63
N ASN B 179 -41.97 6.42 -3.90
CA ASN B 179 -42.94 5.35 -4.06
C ASN B 179 -42.37 3.94 -3.94
N ILE B 180 -41.51 3.76 -2.94
CA ILE B 180 -40.87 2.47 -2.67
C ILE B 180 -41.40 1.82 -1.39
N ASN B 181 -41.57 0.50 -1.43
CA ASN B 181 -41.89 -0.30 -0.23
C ASN B 181 -40.56 -0.90 0.24
N ILE B 182 -40.08 -0.44 1.41
CA ILE B 182 -38.79 -0.89 1.93
C ILE B 182 -38.88 -1.41 3.35
N ALA B 183 -38.39 -2.63 3.56
CA ALA B 183 -38.32 -3.26 4.87
C ALA B 183 -36.92 -3.15 5.40
N MET B 184 -36.84 -2.95 6.70
CA MET B 184 -35.58 -2.89 7.39
C MET B 184 -35.75 -3.89 8.49
N VAL B 185 -34.86 -4.89 8.50
CA VAL B 185 -35.00 -6.03 9.37
C VAL B 185 -33.78 -6.29 10.27
N GLY B 186 -34.04 -6.61 11.53
CA GLY B 186 -32.97 -6.91 12.48
C GLY B 186 -32.86 -5.91 13.60
N ASP B 187 -31.64 -5.46 13.86
CA ASP B 187 -31.37 -4.51 14.93
C ASP B 187 -31.57 -3.12 14.39
N LEU B 188 -32.72 -2.54 14.69
CA LEU B 188 -33.01 -1.19 14.24
C LEU B 188 -32.70 -0.16 15.33
N LYS B 189 -32.21 -0.61 16.49
CA LYS B 189 -31.88 0.34 17.56
C LYS B 189 -30.43 0.80 17.49
N TYR B 190 -29.51 -0.14 17.28
CA TYR B 190 -28.08 0.17 17.21
C TYR B 190 -27.56 0.06 15.77
N GLY B 191 -28.48 -0.14 14.84
CA GLY B 191 -28.14 -0.24 13.42
C GLY B 191 -27.72 1.10 12.84
N ARG B 192 -26.42 1.30 12.78
CA ARG B 192 -25.80 2.50 12.23
C ARG B 192 -26.41 2.95 10.89
N THR B 193 -26.08 2.19 9.86
CA THR B 193 -26.47 2.51 8.52
C THR B 193 -28.00 2.69 8.36
N VAL B 194 -28.81 2.07 9.22
CA VAL B 194 -30.27 2.10 9.02
C VAL B 194 -30.94 3.43 9.43
N HIS B 195 -30.43 4.12 10.43
CA HIS B 195 -31.03 5.41 10.82
C HIS B 195 -30.80 6.46 9.73
N SER B 196 -29.57 6.55 9.23
CA SER B 196 -29.21 7.47 8.15
C SER B 196 -29.99 7.17 6.88
N LEU B 197 -30.14 5.87 6.59
CA LEU B 197 -30.88 5.48 5.40
C LEU B 197 -32.32 5.91 5.48
N THR B 198 -32.96 5.64 6.61
CA THR B 198 -34.33 6.04 6.84
C THR B 198 -34.50 7.57 6.68
N GLN B 199 -33.61 8.33 7.30
CA GLN B 199 -33.65 9.80 7.20
C GLN B 199 -33.48 10.32 5.77
N ALA B 200 -32.65 9.64 4.97
CA ALA B 200 -32.38 10.04 3.61
C ALA B 200 -33.60 9.75 2.71
N LEU B 201 -34.17 8.57 2.85
CA LEU B 201 -35.34 8.15 2.08
C LEU B 201 -36.58 8.94 2.44
N ALA B 202 -36.60 9.44 3.67
CA ALA B 202 -37.69 10.24 4.20
C ALA B 202 -37.73 11.60 3.49
N LYS B 203 -36.68 11.98 2.78
CA LYS B 203 -36.71 13.23 2.01
C LYS B 203 -37.41 13.04 0.65
N PHE B 204 -37.74 11.79 0.33
CA PHE B 204 -38.40 11.48 -0.94
C PHE B 204 -39.88 11.29 -0.67
N ASN B 205 -40.67 11.15 -1.74
CA ASN B 205 -42.14 11.08 -1.62
C ASN B 205 -42.74 9.65 -1.75
N GLY B 206 -43.79 9.39 -0.98
CA GLY B 206 -44.54 8.14 -1.07
C GLY B 206 -43.87 6.85 -0.64
N ASN B 207 -42.78 6.91 0.11
CA ASN B 207 -42.17 5.65 0.54
C ASN B 207 -42.93 5.06 1.71
N HIS B 208 -42.86 3.74 1.86
CA HIS B 208 -43.52 3.06 2.96
C HIS B 208 -42.46 2.20 3.66
N PHE B 209 -42.25 2.41 4.95
CA PHE B 209 -41.24 1.64 5.69
C PHE B 209 -41.88 0.52 6.49
N PHE B 210 -41.30 -0.67 6.43
CA PHE B 210 -41.78 -1.82 7.18
C PHE B 210 -40.62 -2.11 8.13
N PHE B 211 -40.83 -1.91 9.42
CA PHE B 211 -39.77 -2.15 10.42
C PHE B 211 -40.03 -3.45 11.13
N ILE B 212 -39.11 -4.37 10.97
CA ILE B 212 -39.25 -5.71 11.49
C ILE B 212 -38.06 -5.95 12.44
N ALA B 213 -38.33 -5.93 13.73
CA ALA B 213 -37.27 -6.09 14.71
C ALA B 213 -37.81 -6.55 16.06
N PRO B 214 -36.96 -7.18 16.86
CA PRO B 214 -37.33 -7.54 18.21
C PRO B 214 -37.80 -6.28 18.94
N ASP B 215 -38.59 -6.42 20.00
CA ASP B 215 -39.08 -5.24 20.72
C ASP B 215 -37.92 -4.45 21.36
N ALA B 216 -36.95 -5.18 21.91
CA ALA B 216 -35.79 -4.55 22.53
C ALA B 216 -34.88 -3.85 21.50
N LEU B 217 -35.10 -4.10 20.21
CA LEU B 217 -34.28 -3.50 19.16
C LEU B 217 -35.11 -2.77 18.11
N ALA B 218 -36.23 -2.17 18.52
CA ALA B 218 -37.11 -1.46 17.59
C ALA B 218 -36.46 -0.19 17.06
N MET B 219 -36.96 0.29 15.92
CA MET B 219 -36.51 1.55 15.37
C MET B 219 -36.86 2.60 16.43
N PRO B 220 -35.90 3.48 16.80
CA PRO B 220 -36.21 4.37 17.90
C PRO B 220 -37.34 5.34 17.63
N ALA B 221 -37.84 5.90 18.72
CA ALA B 221 -38.98 6.80 18.70
C ALA B 221 -38.75 8.08 17.91
N TYR B 222 -37.57 8.68 18.02
CA TYR B 222 -37.29 9.94 17.35
C TYR B 222 -37.38 9.77 15.81
N ILE B 223 -37.08 8.57 15.33
CA ILE B 223 -37.19 8.29 13.89
C ILE B 223 -38.67 8.13 13.53
N LEU B 224 -39.43 7.41 14.35
CA LEU B 224 -40.86 7.25 14.07
C LEU B 224 -41.51 8.61 14.17
N GLN B 225 -40.97 9.45 15.06
CA GLN B 225 -41.53 10.77 15.27
C GLN B 225 -41.41 11.60 13.99
N MET B 226 -40.25 11.59 13.36
CA MET B 226 -40.07 12.41 12.17
C MET B 226 -40.91 11.86 11.01
N LEU B 227 -40.99 10.54 10.88
CA LEU B 227 -41.81 9.96 9.83
C LEU B 227 -43.27 10.39 10.05
N GLU B 228 -43.71 10.41 11.29
CA GLU B 228 -45.09 10.84 11.58
C GLU B 228 -45.30 12.30 11.18
N GLU B 229 -44.35 13.15 11.53
CA GLU B 229 -44.44 14.57 11.25
C GLU B 229 -44.31 14.91 9.76
N LYS B 230 -43.64 14.05 9.02
CA LYS B 230 -43.56 14.21 7.57
C LYS B 230 -44.69 13.44 6.88
N GLU B 231 -45.54 12.76 7.65
CA GLU B 231 -46.67 12.01 7.09
C GLU B 231 -46.21 10.88 6.16
N ILE B 232 -45.12 10.24 6.57
CA ILE B 232 -44.53 9.13 5.83
C ILE B 232 -45.02 7.86 6.48
N GLU B 233 -45.55 6.97 5.66
CA GLU B 233 -46.12 5.73 6.18
C GLU B 233 -45.06 4.74 6.66
N TYR B 234 -45.31 4.18 7.83
CA TYR B 234 -44.47 3.10 8.34
C TYR B 234 -45.37 2.12 9.07
N SER B 235 -44.92 0.88 9.20
CA SER B 235 -45.69 -0.14 9.89
C SER B 235 -44.73 -1.14 10.51
N LEU B 236 -45.13 -1.73 11.63
CA LEU B 236 -44.31 -2.69 12.34
C LEU B 236 -44.86 -4.12 12.16
N HIS B 237 -43.97 -5.10 12.06
CA HIS B 237 -44.36 -6.48 11.85
C HIS B 237 -43.42 -7.40 12.65
N GLU B 238 -43.95 -8.49 13.17
CA GLU B 238 -43.15 -9.43 13.96
C GLU B 238 -42.17 -10.20 13.07
N SER B 239 -42.52 -10.38 11.79
CA SER B 239 -41.62 -11.07 10.84
C SER B 239 -41.83 -10.77 9.35
N LEU B 240 -40.83 -11.18 8.58
CA LEU B 240 -40.77 -11.03 7.13
C LEU B 240 -41.87 -11.73 6.37
N GLU B 241 -42.11 -12.97 6.75
CA GLU B 241 -43.10 -13.80 6.10
C GLU B 241 -44.29 -13.01 5.58
N GLU B 242 -44.98 -12.33 6.49
CA GLU B 242 -46.20 -11.62 6.17
C GLU B 242 -46.09 -10.47 5.18
N VAL B 243 -44.93 -9.83 5.04
CA VAL B 243 -44.85 -8.68 4.14
C VAL B 243 -43.96 -8.83 2.91
N VAL B 244 -43.30 -9.97 2.72
CA VAL B 244 -42.45 -10.14 1.55
C VAL B 244 -43.14 -9.79 0.21
N PRO B 245 -44.39 -10.20 0.01
CA PRO B 245 -45.08 -9.86 -1.25
C PRO B 245 -45.15 -8.37 -1.55
N GLU B 246 -45.09 -7.52 -0.51
CA GLU B 246 -45.18 -6.08 -0.69
C GLU B 246 -43.89 -5.34 -0.96
N LEU B 247 -42.76 -5.97 -0.70
CA LEU B 247 -41.48 -5.27 -0.74
C LEU B 247 -40.78 -5.04 -2.08
N ASP B 248 -40.24 -3.83 -2.22
CA ASP B 248 -39.36 -3.50 -3.34
C ASP B 248 -37.88 -3.69 -2.88
N ILE B 249 -37.60 -3.39 -1.61
CA ILE B 249 -36.26 -3.53 -1.05
C ILE B 249 -36.40 -4.20 0.30
N LEU B 250 -35.58 -5.19 0.55
CA LEU B 250 -35.51 -5.84 1.86
C LEU B 250 -34.10 -5.55 2.34
N TYR B 251 -33.98 -4.65 3.31
CA TYR B 251 -32.67 -4.22 3.85
C TYR B 251 -32.41 -4.96 5.15
N MET B 252 -31.47 -5.91 5.12
CA MET B 252 -31.14 -6.72 6.28
C MET B 252 -29.98 -6.06 7.06
N THR B 253 -30.18 -5.89 8.36
CA THR B 253 -29.18 -5.23 9.20
C THR B 253 -28.27 -6.25 9.79
N ARG B 254 -27.16 -5.75 10.31
CA ARG B 254 -26.30 -6.64 11.04
C ARG B 254 -26.84 -6.71 12.46
N GLN B 271 -37.05 -15.32 15.58
CA GLN B 271 -35.81 -15.34 14.79
C GLN B 271 -36.03 -14.60 13.48
N PHE B 272 -35.02 -13.81 13.10
CA PHE B 272 -35.07 -12.88 11.97
C PHE B 272 -34.09 -13.17 10.83
N ILE B 273 -33.61 -14.40 10.74
CA ILE B 273 -32.69 -14.82 9.70
C ILE B 273 -33.44 -14.97 8.38
N LEU B 274 -32.88 -14.45 7.29
CA LEU B 274 -33.51 -14.58 5.97
C LEU B 274 -32.97 -15.81 5.24
N ARG B 275 -33.87 -16.62 4.72
CA ARG B 275 -33.49 -17.78 3.94
C ARG B 275 -34.28 -17.75 2.64
N SER B 276 -33.80 -18.47 1.63
CA SER B 276 -34.44 -18.45 0.33
C SER B 276 -35.91 -18.81 0.38
N SER B 277 -36.29 -19.72 1.28
CA SER B 277 -37.67 -20.13 1.44
C SER B 277 -38.58 -18.98 1.79
N ASP B 278 -38.03 -17.98 2.48
CA ASP B 278 -38.82 -16.82 2.89
C ASP B 278 -39.14 -15.88 1.72
N LEU B 279 -38.60 -16.16 0.54
CA LEU B 279 -38.72 -15.24 -0.59
C LEU B 279 -39.67 -15.71 -1.65
N THR B 280 -40.41 -16.76 -1.31
CA THR B 280 -41.41 -17.26 -2.21
C THR B 280 -42.49 -16.19 -2.21
N GLY B 281 -43.02 -15.88 -3.38
CA GLY B 281 -44.05 -14.80 -3.48
C GLY B 281 -43.45 -13.40 -3.57
N ALA B 282 -42.12 -13.28 -3.69
CA ALA B 282 -41.53 -11.96 -3.81
C ALA B 282 -41.96 -11.28 -5.12
N ARG B 283 -41.88 -9.95 -5.13
CA ARG B 283 -42.07 -9.16 -6.33
C ARG B 283 -40.83 -9.39 -7.18
N ASP B 284 -41.00 -9.46 -8.50
CA ASP B 284 -39.86 -9.66 -9.40
C ASP B 284 -38.75 -8.64 -9.25
N ASN B 285 -39.12 -7.42 -8.84
CA ASN B 285 -38.17 -6.37 -8.67
C ASN B 285 -37.53 -6.32 -7.31
N LEU B 286 -37.87 -7.24 -6.42
CA LEU B 286 -37.27 -7.22 -5.09
C LEU B 286 -35.77 -7.37 -5.08
N LYS B 287 -35.09 -6.45 -4.39
CA LYS B 287 -33.68 -6.61 -4.13
C LYS B 287 -33.42 -6.72 -2.62
N VAL B 288 -32.58 -7.69 -2.24
CA VAL B 288 -32.16 -7.87 -0.86
C VAL B 288 -30.79 -7.20 -0.69
N LEU B 289 -30.73 -6.27 0.24
CA LEU B 289 -29.52 -5.55 0.57
C LEU B 289 -29.08 -5.89 1.98
N HIS B 290 -27.80 -5.61 2.26
CA HIS B 290 -27.17 -5.82 3.56
C HIS B 290 -25.89 -5.02 3.50
N PRO B 291 -25.62 -4.14 4.47
CA PRO B 291 -24.38 -3.37 4.36
C PRO B 291 -23.08 -4.19 4.52
N LEU B 292 -23.18 -5.40 5.06
CA LEU B 292 -22.05 -6.33 5.25
C LEU B 292 -21.11 -5.93 6.38
N PRO B 293 -20.45 -6.91 7.00
CA PRO B 293 -20.53 -8.31 6.65
C PRO B 293 -21.76 -8.96 7.20
N ARG B 294 -22.17 -10.04 6.58
CA ARG B 294 -23.22 -10.86 7.15
C ARG B 294 -22.52 -12.06 7.78
N ILE B 295 -23.17 -12.59 8.80
CA ILE B 295 -22.71 -13.79 9.43
C ILE B 295 -23.87 -14.74 9.22
N ASP B 296 -24.84 -14.76 10.12
CA ASP B 296 -25.93 -15.74 9.98
C ASP B 296 -27.27 -15.18 9.51
N GLU B 297 -27.41 -13.86 9.41
CA GLU B 297 -28.72 -13.25 9.10
C GLU B 297 -29.25 -13.43 7.70
N ILE B 298 -28.38 -13.77 6.75
CA ILE B 298 -28.82 -14.15 5.42
C ILE B 298 -28.14 -15.47 5.12
N THR B 299 -28.92 -16.54 4.95
CA THR B 299 -28.30 -17.83 4.68
C THR B 299 -27.72 -17.83 3.28
N THR B 300 -26.73 -18.68 3.03
CA THR B 300 -26.07 -18.70 1.73
C THR B 300 -26.99 -19.09 0.57
N ASP B 301 -28.06 -19.83 0.85
CA ASP B 301 -29.00 -20.20 -0.21
C ASP B 301 -29.69 -18.97 -0.88
N VAL B 302 -29.69 -17.81 -0.23
CA VAL B 302 -30.27 -16.60 -0.81
C VAL B 302 -29.41 -16.05 -1.93
N ASP B 303 -28.11 -16.32 -1.82
CA ASP B 303 -27.11 -15.76 -2.69
C ASP B 303 -27.35 -16.03 -4.16
N LYS B 304 -27.91 -17.18 -4.51
CA LYS B 304 -28.12 -17.50 -5.92
C LYS B 304 -29.58 -17.24 -6.39
N THR B 305 -30.41 -16.66 -5.55
CA THR B 305 -31.77 -16.29 -5.99
C THR B 305 -31.65 -14.98 -6.78
N PRO B 306 -32.67 -14.63 -7.56
CA PRO B 306 -32.58 -13.39 -8.33
C PRO B 306 -32.65 -12.14 -7.48
N TYR B 307 -33.02 -12.28 -6.21
CA TYR B 307 -33.19 -11.15 -5.35
C TYR B 307 -31.95 -10.67 -4.62
N ALA B 308 -30.92 -11.52 -4.53
CA ALA B 308 -29.70 -11.15 -3.79
C ALA B 308 -28.97 -9.99 -4.47
N TYR B 309 -28.67 -8.93 -3.73
CA TYR B 309 -27.93 -7.82 -4.31
C TYR B 309 -26.97 -7.15 -3.37
N TYR B 310 -26.62 -7.84 -2.28
CA TYR B 310 -25.67 -7.33 -1.30
C TYR B 310 -24.25 -7.18 -1.82
N PHE B 311 -23.79 -8.10 -2.66
CA PHE B 311 -22.46 -7.99 -3.24
C PHE B 311 -22.45 -6.89 -4.32
N GLN B 312 -23.46 -6.84 -5.17
CA GLN B 312 -23.57 -5.77 -6.18
C GLN B 312 -23.65 -4.40 -5.49
N GLN B 313 -24.41 -4.34 -4.37
CA GLN B 313 -24.56 -3.16 -3.57
C GLN B 313 -23.16 -2.71 -3.10
N ALA B 314 -22.34 -3.64 -2.60
CA ALA B 314 -20.99 -3.28 -2.16
C ALA B 314 -20.21 -2.76 -3.34
N GLY B 315 -20.31 -3.44 -4.45
CA GLY B 315 -19.68 -3.02 -5.69
C GLY B 315 -20.06 -1.61 -6.12
N ASN B 316 -21.29 -1.20 -5.82
CA ASN B 316 -21.74 0.14 -6.13
C ASN B 316 -21.03 1.24 -5.32
N GLY B 317 -20.43 0.82 -4.22
CA GLY B 317 -19.65 1.73 -3.40
C GLY B 317 -18.57 2.41 -4.23
N ILE B 318 -18.00 1.69 -5.18
CA ILE B 318 -17.00 2.30 -6.07
C ILE B 318 -17.53 3.53 -6.81
N PHE B 319 -18.76 3.44 -7.29
CA PHE B 319 -19.35 4.53 -8.08
C PHE B 319 -19.79 5.69 -7.21
N ALA B 320 -20.33 5.38 -6.03
CA ALA B 320 -20.76 6.37 -5.10
C ALA B 320 -19.54 7.15 -4.66
N ARG B 321 -18.46 6.44 -4.36
CA ARG B 321 -17.25 7.05 -3.82
C ARG B 321 -16.50 7.78 -4.94
N GLN B 322 -16.48 7.23 -6.14
CA GLN B 322 -15.84 7.96 -7.23
C GLN B 322 -16.58 9.27 -7.47
N ALA B 323 -17.90 9.20 -7.48
CA ALA B 323 -18.72 10.39 -7.77
C ALA B 323 -18.38 11.50 -6.78
N LEU B 324 -18.29 11.15 -5.50
CA LEU B 324 -17.99 12.13 -4.46
C LEU B 324 -16.60 12.73 -4.61
N LEU B 325 -15.59 11.90 -4.85
CA LEU B 325 -14.22 12.36 -5.05
C LEU B 325 -14.13 13.29 -6.27
N ALA B 326 -14.82 12.90 -7.33
CA ALA B 326 -14.89 13.69 -8.56
C ALA B 326 -15.53 15.04 -8.32
N LEU B 327 -16.68 15.05 -7.65
CA LEU B 327 -17.35 16.30 -7.40
C LEU B 327 -16.59 17.22 -6.44
N VAL B 328 -15.96 16.69 -5.39
CA VAL B 328 -15.28 17.60 -4.47
C VAL B 328 -13.98 18.13 -5.05
N LEU B 329 -13.40 17.46 -6.04
CA LEU B 329 -12.10 17.87 -6.58
C LEU B 329 -12.16 18.55 -7.94
N ASN B 330 -13.23 18.37 -8.69
CA ASN B 330 -13.34 19.05 -9.98
C ASN B 330 -14.47 20.07 -9.95
N ALA B 331 -14.10 21.33 -10.21
CA ALA B 331 -15.03 22.45 -10.22
C ALA B 331 -16.15 22.22 -11.25
N GLU B 332 -15.79 21.76 -12.45
CA GLU B 332 -16.77 21.44 -13.50
C GLU B 332 -16.90 19.93 -13.62
N LEU B 333 -18.02 19.45 -14.14
CA LEU B 333 -18.21 18.00 -14.29
C LEU B 333 -19.38 17.70 -15.22
N ASN C 27 24.65 14.08 -14.19
CA ASN C 27 24.55 14.81 -12.88
C ASN C 27 25.30 13.99 -11.79
N PRO C 28 25.97 14.65 -10.84
CA PRO C 28 26.82 13.97 -9.84
C PRO C 28 26.12 13.09 -8.81
N LEU C 29 24.80 13.18 -8.68
CA LEU C 29 24.09 12.33 -7.76
C LEU C 29 23.41 11.13 -8.46
N TYR C 30 23.55 11.07 -9.78
CA TYR C 30 23.01 9.97 -10.59
C TYR C 30 23.48 8.62 -10.08
N HIS C 31 22.52 7.78 -9.67
CA HIS C 31 22.76 6.43 -9.14
C HIS C 31 23.68 6.38 -7.90
N LYS C 32 23.75 7.48 -7.16
CA LYS C 32 24.55 7.51 -5.94
C LYS C 32 23.63 7.24 -4.76
N HIS C 33 24.15 6.61 -3.72
CA HIS C 33 23.38 6.41 -2.50
C HIS C 33 23.34 7.71 -1.70
N ILE C 34 22.17 8.08 -1.17
CA ILE C 34 22.14 9.25 -0.33
C ILE C 34 22.00 8.78 1.14
N ILE C 35 23.15 8.51 1.73
CA ILE C 35 23.22 8.05 3.11
C ILE C 35 23.15 9.19 4.10
N SER C 36 23.75 10.31 3.75
CA SER C 36 23.80 11.43 4.64
C SER C 36 23.88 12.75 3.89
N ILE C 37 22.90 13.61 4.14
CA ILE C 37 22.85 14.95 3.57
C ILE C 37 24.13 15.69 3.87
N ASN C 38 24.81 15.29 4.93
CA ASN C 38 26.05 15.93 5.31
C ASN C 38 27.23 15.58 4.39
N ASP C 39 27.12 14.46 3.67
CA ASP C 39 28.14 14.02 2.71
C ASP C 39 28.08 14.84 1.42
N LEU C 40 27.03 15.63 1.22
CA LEU C 40 26.89 16.42 0.00
C LEU C 40 27.65 17.74 0.07
N SER C 41 28.31 18.10 -1.02
CA SER C 41 29.07 19.36 -1.07
C SER C 41 28.14 20.53 -1.26
N ARG C 42 28.69 21.74 -1.13
CA ARG C 42 27.89 22.94 -1.35
C ARG C 42 27.25 22.88 -2.73
N ASP C 43 28.07 22.55 -3.72
CA ASP C 43 27.61 22.48 -5.11
C ASP C 43 26.48 21.48 -5.26
N GLU C 44 26.63 20.30 -4.66
CA GLU C 44 25.59 19.27 -4.74
C GLU C 44 24.33 19.73 -4.00
N LEU C 45 24.49 20.40 -2.86
CA LEU C 45 23.31 20.91 -2.17
C LEU C 45 22.60 21.92 -3.05
N GLU C 46 23.35 22.80 -3.71
CA GLU C 46 22.77 23.81 -4.56
C GLU C 46 22.04 23.20 -5.76
N LEU C 47 22.57 22.11 -6.31
CA LEU C 47 21.91 21.43 -7.41
C LEU C 47 20.55 20.84 -6.99
N VAL C 48 20.54 20.17 -5.82
CA VAL C 48 19.32 19.62 -5.28
C VAL C 48 18.32 20.73 -5.07
N LEU C 49 18.79 21.85 -4.52
CA LEU C 49 17.90 22.99 -4.29
C LEU C 49 17.38 23.66 -5.58
N ARG C 50 18.21 23.76 -6.62
CA ARG C 50 17.75 24.33 -7.90
C ARG C 50 16.71 23.41 -8.51
N THR C 51 16.97 22.11 -8.40
CA THR C 51 16.04 21.11 -8.93
C THR C 51 14.70 21.19 -8.19
N ALA C 52 14.78 21.25 -6.87
CA ALA C 52 13.60 21.39 -6.07
C ALA C 52 12.81 22.61 -6.52
N ALA C 53 13.47 23.77 -6.66
CA ALA C 53 12.76 24.99 -7.02
C ALA C 53 12.11 24.85 -8.40
N SER C 54 12.80 24.15 -9.30
CA SER C 54 12.28 23.94 -10.64
C SER C 54 11.04 23.05 -10.61
N LEU C 55 11.02 22.04 -9.75
CA LEU C 55 9.87 21.12 -9.70
C LEU C 55 8.66 21.74 -9.03
N LYS C 56 8.91 22.65 -8.09
CA LYS C 56 7.84 23.38 -7.42
C LYS C 56 7.18 24.34 -8.41
N LYS C 57 8.01 25.02 -9.20
CA LYS C 57 7.52 25.97 -10.19
C LYS C 57 6.82 25.27 -11.34
N THR C 58 7.45 24.22 -11.86
CA THR C 58 6.90 23.52 -13.00
C THR C 58 7.09 22.01 -12.79
N PRO C 59 6.05 21.36 -12.31
CA PRO C 59 6.08 19.95 -12.06
C PRO C 59 6.37 19.08 -13.29
N GLN C 60 7.04 17.96 -13.09
CA GLN C 60 7.34 16.98 -14.13
C GLN C 60 6.68 15.66 -13.73
N PRO C 61 5.35 15.58 -13.91
CA PRO C 61 4.63 14.40 -13.44
C PRO C 61 4.95 13.08 -14.13
N GLU C 62 5.76 13.08 -15.20
CA GLU C 62 6.11 11.81 -15.84
C GLU C 62 7.62 11.55 -15.89
N LEU C 63 8.38 12.32 -15.13
CA LEU C 63 9.84 12.19 -15.15
C LEU C 63 10.26 10.79 -14.83
N LEU C 64 9.69 10.21 -13.77
CA LEU C 64 10.03 8.83 -13.37
C LEU C 64 8.96 7.81 -13.76
N LYS C 65 8.32 8.04 -14.89
CA LYS C 65 7.34 7.12 -15.37
C LYS C 65 8.03 5.78 -15.58
N HIS C 66 7.31 4.73 -15.20
CA HIS C 66 7.76 3.32 -15.33
C HIS C 66 8.82 2.94 -14.31
N LYS C 67 9.12 3.83 -13.37
CA LYS C 67 10.01 3.44 -12.30
C LYS C 67 9.18 2.90 -11.12
N VAL C 68 9.76 1.94 -10.39
CA VAL C 68 9.15 1.39 -9.17
C VAL C 68 10.17 1.64 -8.05
N ILE C 69 9.71 2.33 -7.01
CA ILE C 69 10.52 2.71 -5.90
C ILE C 69 10.00 2.01 -4.63
N ALA C 70 10.92 1.39 -3.87
CA ALA C 70 10.54 0.75 -2.62
C ALA C 70 10.53 1.77 -1.49
N SER C 71 9.50 1.72 -0.67
CA SER C 71 9.39 2.58 0.53
C SER C 71 9.43 1.61 1.70
N CYS C 72 10.63 1.44 2.27
CA CYS C 72 10.90 0.43 3.27
C CYS C 72 11.07 1.03 4.62
N PHE C 73 9.95 1.23 5.29
CA PHE C 73 9.94 1.82 6.60
C PHE C 73 9.83 0.72 7.66
N PHE C 74 11.01 0.26 8.09
CA PHE C 74 11.15 -0.80 9.08
C PHE C 74 10.63 -0.30 10.39
N GLU C 75 10.83 0.99 10.58
CA GLU C 75 10.33 1.69 11.73
C GLU C 75 9.33 2.69 11.16
N ALA C 76 8.18 2.78 11.77
CA ALA C 76 7.15 3.65 11.26
C ALA C 76 7.55 5.10 11.38
N SER C 77 7.26 5.89 10.35
CA SER C 77 7.46 7.33 10.45
C SER C 77 6.52 7.86 9.42
N THR C 78 5.28 8.01 9.86
CA THR C 78 4.19 8.39 9.01
C THR C 78 4.44 9.67 8.21
N ARG C 79 4.81 10.77 8.86
CA ARG C 79 5.03 12.01 8.16
C ARG C 79 6.08 11.92 7.09
N THR C 80 7.24 11.36 7.45
CA THR C 80 8.32 11.26 6.50
C THR C 80 7.92 10.30 5.37
N ARG C 81 7.30 9.18 5.73
CA ARG C 81 6.92 8.20 4.69
C ARG C 81 5.92 8.80 3.71
N LEU C 82 4.90 9.47 4.22
CA LEU C 82 3.88 10.04 3.32
C LEU C 82 4.46 11.09 2.41
N SER C 83 5.42 11.88 2.93
CA SER C 83 6.05 12.89 2.15
C SER C 83 6.88 12.27 1.03
N PHE C 84 7.62 11.21 1.34
CA PHE C 84 8.42 10.52 0.32
C PHE C 84 7.53 9.85 -0.70
N GLU C 85 6.49 9.19 -0.24
CA GLU C 85 5.60 8.50 -1.20
C GLU C 85 4.87 9.47 -2.10
N THR C 86 4.46 10.62 -1.56
CA THR C 86 3.79 11.64 -2.38
C THR C 86 4.76 12.14 -3.43
N SER C 87 6.01 12.37 -3.02
CA SER C 87 7.07 12.83 -3.93
C SER C 87 7.25 11.85 -5.08
N ILE C 88 7.25 10.56 -4.77
CA ILE C 88 7.41 9.50 -5.75
C ILE C 88 6.24 9.53 -6.76
N HIS C 89 5.01 9.62 -6.27
CA HIS C 89 3.85 9.67 -7.16
C HIS C 89 3.84 10.96 -7.98
N ARG C 90 4.32 12.06 -7.43
CA ARG C 90 4.35 13.32 -8.13
C ARG C 90 5.29 13.27 -9.33
N LEU C 91 6.22 12.33 -9.35
CA LEU C 91 7.13 12.18 -10.47
C LEU C 91 6.67 11.06 -11.41
N GLY C 92 5.52 10.43 -11.12
CA GLY C 92 4.92 9.41 -12.01
C GLY C 92 5.40 7.98 -11.75
N ALA C 93 6.17 7.82 -10.69
CA ALA C 93 6.67 6.49 -10.32
C ALA C 93 5.68 5.75 -9.41
N SER C 94 5.85 4.43 -9.34
CA SER C 94 5.04 3.55 -8.49
C SER C 94 5.78 3.29 -7.19
N VAL C 95 5.02 2.95 -6.17
CA VAL C 95 5.57 2.67 -4.83
C VAL C 95 5.18 1.28 -4.35
N VAL C 96 6.14 0.52 -3.85
CA VAL C 96 5.85 -0.73 -3.16
C VAL C 96 6.59 -0.62 -1.83
N GLY C 97 6.09 -1.27 -0.81
CA GLY C 97 6.83 -1.23 0.42
C GLY C 97 6.08 -1.69 1.62
N PHE C 98 6.49 -1.14 2.74
CA PHE C 98 5.87 -1.47 4.00
C PHE C 98 6.06 -0.28 4.95
N SER C 99 5.05 -0.09 5.81
CA SER C 99 4.99 1.04 6.70
C SER C 99 5.60 0.81 8.07
N ASP C 100 5.84 -0.46 8.41
CA ASP C 100 6.49 -0.86 9.66
C ASP C 100 6.94 -2.33 9.55
N SER C 101 7.73 -2.76 10.54
CA SER C 101 8.19 -4.15 10.73
C SER C 101 9.60 -4.16 11.30
N GLY C 110 16.00 -15.33 12.21
CA GLY C 110 15.75 -14.01 11.66
C GLY C 110 16.66 -13.69 10.49
N GLU C 111 16.05 -13.28 9.37
CA GLU C 111 16.75 -12.96 8.14
C GLU C 111 17.55 -11.66 8.24
N THR C 112 18.79 -11.68 7.81
CA THR C 112 19.57 -10.48 7.86
C THR C 112 18.97 -9.37 6.97
N LEU C 113 19.24 -8.15 7.38
CA LEU C 113 18.88 -7.01 6.59
C LEU C 113 19.59 -7.14 5.24
N ALA C 114 20.81 -7.69 5.26
CA ALA C 114 21.57 -7.93 4.04
C ALA C 114 20.72 -8.76 3.03
N ASP C 115 20.20 -9.90 3.44
CA ASP C 115 19.39 -10.75 2.54
C ASP C 115 18.11 -10.07 2.08
N THR C 116 17.44 -9.36 2.99
CA THR C 116 16.21 -8.64 2.64
C THR C 116 16.50 -7.66 1.51
N MET C 117 17.58 -6.89 1.65
CA MET C 117 17.95 -5.92 0.61
C MET C 117 18.52 -6.55 -0.64
N SER C 118 19.20 -7.68 -0.49
CA SER C 118 19.70 -8.41 -1.63
C SER C 118 18.51 -8.79 -2.51
N VAL C 119 17.37 -9.13 -1.89
CA VAL C 119 16.15 -9.49 -2.64
C VAL C 119 15.43 -8.25 -3.21
N ILE C 120 15.18 -7.27 -2.36
CA ILE C 120 14.41 -6.09 -2.77
C ILE C 120 15.10 -5.35 -3.91
N SER C 121 16.43 -5.29 -3.87
CA SER C 121 17.19 -4.65 -4.90
C SER C 121 17.10 -5.34 -6.26
N THR C 122 16.52 -6.54 -6.33
CA THR C 122 16.31 -7.22 -7.59
C THR C 122 14.90 -6.80 -8.10
N TYR C 123 14.08 -6.19 -7.25
CA TYR C 123 12.71 -5.84 -7.67
C TYR C 123 12.54 -4.39 -8.20
N VAL C 124 13.23 -3.46 -7.56
CA VAL C 124 12.96 -2.03 -7.72
C VAL C 124 14.14 -1.23 -8.24
N ASP C 125 13.84 0.02 -8.57
CA ASP C 125 14.82 0.89 -9.20
C ASP C 125 15.58 1.75 -8.18
N ALA C 126 14.97 1.95 -7.02
CA ALA C 126 15.58 2.71 -5.96
C ALA C 126 14.88 2.30 -4.70
N ILE C 127 15.55 2.50 -3.57
CA ILE C 127 15.01 2.15 -2.27
C ILE C 127 15.11 3.32 -1.29
N VAL C 128 13.97 3.72 -0.72
CA VAL C 128 13.96 4.70 0.35
C VAL C 128 13.80 3.86 1.61
N MET C 129 14.68 4.01 2.57
N MET C 129 14.72 4.01 2.55
CA MET C 129 14.56 3.17 3.74
CA MET C 129 14.74 3.15 3.73
C MET C 129 14.78 3.89 5.03
C MET C 129 14.80 3.91 5.04
N ARG C 130 14.05 3.45 6.03
CA ARG C 130 14.12 3.97 7.38
C ARG C 130 14.21 2.76 8.29
N HIS C 131 15.22 2.71 9.16
CA HIS C 131 15.50 1.51 9.93
C HIS C 131 16.02 1.89 11.32
N PRO C 132 15.65 1.14 12.37
CA PRO C 132 16.14 1.59 13.66
C PRO C 132 17.65 1.40 13.91
N GLN C 133 18.33 0.57 13.14
CA GLN C 133 19.78 0.34 13.37
C GLN C 133 20.65 1.43 12.76
N GLU C 134 21.52 2.05 13.55
CA GLU C 134 22.47 3.04 13.01
C GLU C 134 23.26 2.34 11.94
N GLY C 135 23.51 3.01 10.81
CA GLY C 135 24.26 2.41 9.69
C GLY C 135 23.51 1.48 8.76
N ALA C 136 22.20 1.27 9.00
CA ALA C 136 21.42 0.32 8.17
C ALA C 136 21.46 0.57 6.68
N SER C 137 21.25 1.82 6.26
CA SER C 137 21.22 2.15 4.85
C SER C 137 22.59 1.94 4.19
N ARG C 138 23.65 2.19 4.94
CA ARG C 138 24.99 1.92 4.42
C ARG C 138 25.19 0.42 4.25
N LEU C 139 24.67 -0.38 5.16
CA LEU C 139 24.77 -1.83 5.05
C LEU C 139 23.97 -2.25 3.83
N ALA C 140 22.78 -1.71 3.69
CA ALA C 140 21.93 -2.04 2.57
C ALA C 140 22.60 -1.73 1.23
N ALA C 141 23.26 -0.59 1.17
CA ALA C 141 23.96 -0.13 -0.02
C ALA C 141 25.06 -1.10 -0.43
N GLN C 142 25.60 -1.85 0.51
CA GLN C 142 26.61 -2.85 0.15
C GLN C 142 25.99 -4.02 -0.63
N PHE C 143 24.69 -4.23 -0.49
CA PHE C 143 24.05 -5.37 -1.13
C PHE C 143 23.07 -5.01 -2.22
N SER C 144 22.92 -3.73 -2.52
CA SER C 144 21.88 -3.37 -3.47
C SER C 144 22.37 -3.22 -4.91
N GLY C 145 23.61 -3.60 -5.19
CA GLY C 145 24.14 -3.51 -6.56
C GLY C 145 24.07 -2.09 -7.10
N ASN C 146 23.42 -1.88 -8.24
CA ASN C 146 23.34 -0.54 -8.81
C ASN C 146 22.07 0.24 -8.42
N VAL C 147 21.27 -0.33 -7.50
CA VAL C 147 20.03 0.30 -7.07
C VAL C 147 20.38 1.29 -5.98
N PRO C 148 20.08 2.59 -6.19
CA PRO C 148 20.43 3.54 -5.14
C PRO C 148 19.57 3.47 -3.90
N ILE C 149 20.23 3.67 -2.75
CA ILE C 149 19.55 3.72 -1.45
C ILE C 149 19.43 5.19 -0.99
N VAL C 150 18.22 5.63 -0.68
CA VAL C 150 18.01 6.95 -0.08
C VAL C 150 17.62 6.74 1.36
N ASN C 151 18.49 7.19 2.26
CA ASN C 151 18.28 7.04 3.71
C ASN C 151 17.29 8.04 4.28
N ALA C 152 16.11 7.56 4.68
CA ALA C 152 15.09 8.39 5.29
C ALA C 152 15.25 8.45 6.79
N GLY C 153 16.30 7.84 7.34
CA GLY C 153 16.64 7.84 8.78
C GLY C 153 17.13 6.46 9.27
N ASP C 154 18.38 6.38 9.71
CA ASP C 154 18.97 5.16 10.31
C ASP C 154 19.12 5.48 11.82
N GLY C 155 18.67 4.61 12.72
CA GLY C 155 18.91 4.81 14.15
C GLY C 155 18.58 6.18 14.73
N ALA C 156 19.57 6.86 15.32
CA ALA C 156 19.37 8.18 15.92
C ALA C 156 19.07 9.32 14.93
N ASN C 157 18.77 8.99 13.68
CA ASN C 157 18.44 9.96 12.63
C ASN C 157 19.40 11.15 12.72
N PRO C 160 19.00 13.57 8.89
CA PRO C 160 17.63 13.49 8.37
C PRO C 160 17.46 14.37 7.15
N THR C 161 16.60 13.94 6.23
CA THR C 161 16.34 14.68 5.00
C THR C 161 15.64 16.01 5.32
N GLN C 162 15.33 16.15 6.61
CA GLN C 162 14.79 17.38 7.14
C GLN C 162 15.76 18.54 6.85
N THR C 163 17.04 18.25 6.90
CA THR C 163 18.03 19.28 6.64
C THR C 163 17.85 19.84 5.23
N LEU C 164 17.49 19.00 4.25
CA LEU C 164 17.23 19.50 2.90
C LEU C 164 16.04 20.44 2.85
N LEU C 165 14.98 20.08 3.57
CA LEU C 165 13.76 20.87 3.57
C LEU C 165 14.08 22.24 4.16
N ASP C 166 14.92 22.24 5.19
CA ASP C 166 15.31 23.44 5.89
C ASP C 166 16.14 24.35 4.98
N LEU C 167 17.19 23.79 4.37
CA LEU C 167 17.98 24.52 3.41
C LEU C 167 17.15 25.14 2.27
N PHE C 168 16.26 24.35 1.68
CA PHE C 168 15.45 24.80 0.57
C PHE C 168 14.56 25.97 0.99
N THR C 169 13.99 25.87 2.18
CA THR C 169 13.10 26.88 2.65
C THR C 169 13.86 28.22 2.85
N ILE C 170 15.04 28.16 3.46
CA ILE C 170 15.88 29.35 3.68
C ILE C 170 16.24 29.97 2.35
N GLN C 171 16.66 29.13 1.40
CA GLN C 171 17.01 29.63 0.07
C GLN C 171 15.80 30.29 -0.62
N GLU C 172 14.68 29.58 -0.64
CA GLU C 172 13.45 30.08 -1.27
C GLU C 172 13.04 31.44 -0.73
N THR C 173 12.99 31.54 0.59
CA THR C 173 12.53 32.76 1.20
C THR C 173 13.60 33.83 1.27
N GLN C 174 14.84 33.45 1.56
CA GLN C 174 15.92 34.47 1.81
C GLN C 174 16.74 34.76 0.53
N GLY C 175 16.45 33.96 -0.52
CA GLY C 175 17.07 34.11 -1.84
C GLY C 175 18.53 33.74 -1.87
N ARG C 176 19.03 33.13 -0.80
CA ARG C 176 20.44 32.78 -0.71
C ARG C 176 20.69 31.92 0.52
N LEU C 177 21.87 31.31 0.55
CA LEU C 177 22.31 30.51 1.69
C LEU C 177 23.59 31.06 2.29
N ASP C 178 24.05 32.21 1.77
CA ASP C 178 25.23 32.96 2.23
C ASP C 178 24.79 34.24 2.94
N ASN C 179 25.62 34.75 3.84
CA ASN C 179 25.34 35.98 4.60
C ASN C 179 23.95 35.96 5.23
N ILE C 180 23.61 34.84 5.85
CA ILE C 180 22.32 34.67 6.53
C ILE C 180 22.54 34.78 8.02
N ASN C 181 21.67 35.52 8.70
CA ASN C 181 21.64 35.61 10.16
C ASN C 181 20.55 34.66 10.61
N ILE C 182 20.94 33.61 11.31
CA ILE C 182 20.00 32.59 11.75
C ILE C 182 20.16 32.25 13.22
N ALA C 183 19.03 32.13 13.91
CA ALA C 183 19.03 31.79 15.31
C ALA C 183 18.42 30.42 15.48
N MET C 184 19.08 29.59 16.28
CA MET C 184 18.56 28.26 16.59
C MET C 184 18.23 28.29 18.06
N VAL C 185 16.99 27.93 18.37
CA VAL C 185 16.50 28.04 19.73
C VAL C 185 15.89 26.77 20.25
N GLY C 186 16.24 26.42 21.49
CA GLY C 186 15.67 25.25 22.14
C GLY C 186 16.75 24.35 22.68
N ASP C 187 16.58 23.05 22.44
CA ASP C 187 17.56 22.08 22.90
C ASP C 187 18.61 21.86 21.80
N LEU C 188 19.77 22.50 21.97
CA LEU C 188 20.84 22.40 21.00
C LEU C 188 21.78 21.23 21.28
N LYS C 189 21.61 20.59 22.42
CA LYS C 189 22.48 19.49 22.82
C LYS C 189 22.11 18.17 22.13
N TYR C 190 20.83 17.83 22.17
CA TYR C 190 20.37 16.56 21.63
C TYR C 190 19.67 16.74 20.29
N GLY C 191 19.49 17.98 19.86
CA GLY C 191 18.79 18.30 18.62
C GLY C 191 19.64 17.99 17.40
N ARG C 192 19.61 16.75 16.94
CA ARG C 192 20.38 16.42 15.75
C ARG C 192 19.91 17.19 14.50
N THR C 193 18.69 17.69 14.54
CA THR C 193 18.19 18.53 13.46
C THR C 193 19.10 19.77 13.37
N VAL C 194 19.21 20.52 14.47
CA VAL C 194 20.04 21.72 14.46
C VAL C 194 21.49 21.36 14.16
N HIS C 195 21.98 20.23 14.67
CA HIS C 195 23.38 19.85 14.39
C HIS C 195 23.65 19.69 12.90
N SER C 196 22.81 18.92 12.20
CA SER C 196 23.05 18.70 10.78
C SER C 196 22.83 19.98 9.98
N LEU C 197 21.83 20.78 10.34
CA LEU C 197 21.59 22.07 9.64
C LEU C 197 22.77 23.08 9.88
N THR C 198 23.33 23.06 11.07
CA THR C 198 24.48 23.92 11.38
C THR C 198 25.65 23.46 10.53
N GLN C 199 25.86 22.15 10.46
CA GLN C 199 26.93 21.60 9.66
C GLN C 199 26.75 21.98 8.19
N ALA C 200 25.50 21.94 7.73
CA ALA C 200 25.20 22.24 6.34
C ALA C 200 25.41 23.73 6.02
N LEU C 201 24.91 24.60 6.88
CA LEU C 201 25.03 26.02 6.64
C LEU C 201 26.47 26.47 6.73
N ALA C 202 27.28 25.72 7.49
CA ALA C 202 28.70 26.04 7.66
C ALA C 202 29.48 25.78 6.38
N LYS C 203 28.83 25.17 5.39
CA LYS C 203 29.47 24.97 4.10
C LYS C 203 29.28 26.21 3.23
N PHE C 204 28.53 27.19 3.72
CA PHE C 204 28.28 28.39 2.96
C PHE C 204 29.03 29.55 3.58
N ASN C 205 29.04 30.68 2.89
CA ASN C 205 29.82 31.85 3.30
C ASN C 205 29.09 32.92 4.11
N GLY C 206 29.79 33.47 5.09
CA GLY C 206 29.29 34.61 5.88
C GLY C 206 28.01 34.47 6.68
N ASN C 207 27.66 33.25 7.06
CA ASN C 207 26.47 33.01 7.88
C ASN C 207 26.78 33.26 9.33
N HIS C 208 25.81 33.76 10.08
CA HIS C 208 26.03 34.14 11.46
C HIS C 208 25.04 33.37 12.28
N PHE C 209 25.52 32.54 13.21
CA PHE C 209 24.61 31.73 14.03
C PHE C 209 24.36 32.31 15.39
N PHE C 210 23.09 32.43 15.79
CA PHE C 210 22.74 32.90 17.13
C PHE C 210 22.19 31.71 17.90
N PHE C 211 23.00 31.13 18.81
CA PHE C 211 22.60 29.95 19.60
C PHE C 211 21.95 30.35 20.89
N ILE C 212 20.68 30.01 21.02
CA ILE C 212 19.92 30.38 22.21
C ILE C 212 19.44 29.13 22.89
N ALA C 213 20.05 28.81 24.03
CA ALA C 213 19.68 27.58 24.73
C ALA C 213 20.04 27.62 26.19
N PRO C 214 19.31 26.84 27.00
CA PRO C 214 19.64 26.70 28.41
C PRO C 214 21.09 26.26 28.49
N ASP C 215 21.76 26.64 29.58
CA ASP C 215 23.15 26.29 29.79
C ASP C 215 23.41 24.78 29.58
N ALA C 216 22.62 23.94 30.25
CA ALA C 216 22.75 22.50 30.15
C ALA C 216 22.38 21.91 28.78
N LEU C 217 21.71 22.69 27.92
CA LEU C 217 21.34 22.19 26.58
C LEU C 217 22.12 22.91 25.47
N ALA C 218 23.37 23.25 25.78
CA ALA C 218 24.22 23.99 24.87
C ALA C 218 24.57 23.22 23.60
N MET C 219 24.82 23.98 22.53
CA MET C 219 25.30 23.43 21.27
C MET C 219 26.65 22.81 21.64
N PRO C 220 26.87 21.55 21.32
CA PRO C 220 28.13 20.89 21.76
C PRO C 220 29.42 21.54 21.30
N ALA C 221 30.43 21.43 22.16
CA ALA C 221 31.74 21.96 21.86
C ALA C 221 32.32 21.48 20.50
N TYR C 222 32.07 20.23 20.10
CA TYR C 222 32.62 19.72 18.83
C TYR C 222 32.02 20.44 17.61
N ILE C 223 30.80 20.94 17.75
CA ILE C 223 30.19 21.71 16.67
C ILE C 223 30.84 23.11 16.61
N LEU C 224 30.94 23.75 17.77
CA LEU C 224 31.53 25.08 17.83
C LEU C 224 32.98 25.05 17.33
N GLN C 225 33.68 23.98 17.67
CA GLN C 225 35.05 23.79 17.21
C GLN C 225 35.08 23.83 15.69
N MET C 226 34.08 23.20 15.06
CA MET C 226 34.01 23.15 13.61
C MET C 226 33.78 24.55 13.03
N LEU C 227 32.89 25.32 13.66
CA LEU C 227 32.64 26.72 13.24
C LEU C 227 33.91 27.53 13.41
N GLU C 228 34.55 27.40 14.56
CA GLU C 228 35.77 28.16 14.84
C GLU C 228 36.85 27.82 13.84
N GLU C 229 36.99 26.55 13.48
CA GLU C 229 38.00 26.19 12.48
C GLU C 229 37.70 26.80 11.12
N LYS C 230 36.43 26.93 10.80
CA LYS C 230 36.02 27.53 9.52
C LYS C 230 35.90 29.06 9.59
N GLU C 231 36.26 29.63 10.75
CA GLU C 231 36.12 31.07 10.99
C GLU C 231 34.69 31.52 10.70
N ILE C 232 33.72 30.74 11.19
CA ILE C 232 32.27 31.02 11.01
C ILE C 232 31.77 31.67 12.31
N GLU C 233 31.17 32.84 12.15
CA GLU C 233 30.71 33.63 13.30
C GLU C 233 29.48 33.02 13.97
N TYR C 234 29.55 32.89 15.30
CA TYR C 234 28.42 32.43 16.10
C TYR C 234 28.39 33.16 17.44
N SER C 235 27.21 33.27 18.04
CA SER C 235 27.11 33.91 19.35
C SER C 235 26.11 33.16 20.23
N LEU C 236 26.36 33.17 21.55
CA LEU C 236 25.50 32.49 22.52
C LEU C 236 24.63 33.50 23.27
N HIS C 237 23.36 33.18 23.45
CA HIS C 237 22.42 34.07 24.16
C HIS C 237 21.50 33.28 25.10
N GLU C 238 20.90 33.99 26.07
CA GLU C 238 19.96 33.38 27.00
C GLU C 238 18.50 33.56 26.57
N SER C 239 18.23 34.59 25.76
CA SER C 239 16.85 34.86 25.34
C SER C 239 16.69 35.27 23.87
N LEU C 240 15.48 35.02 23.36
CA LEU C 240 15.13 35.21 21.96
C LEU C 240 14.79 36.64 21.52
N GLU C 241 14.09 37.43 22.34
CA GLU C 241 13.92 38.84 21.95
C GLU C 241 15.37 39.30 21.93
N GLU C 242 15.63 40.59 21.72
CA GLU C 242 17.02 41.08 21.69
C GLU C 242 17.96 40.60 20.59
N VAL C 243 17.46 39.74 19.70
CA VAL C 243 18.28 39.18 18.65
C VAL C 243 17.31 39.25 17.47
N VAL C 244 16.01 39.26 17.74
CA VAL C 244 15.02 39.19 16.64
C VAL C 244 15.27 40.18 15.53
N PRO C 245 15.53 41.45 15.87
CA PRO C 245 15.74 42.43 14.80
C PRO C 245 16.88 42.09 13.82
N GLU C 246 17.86 41.30 14.26
CA GLU C 246 18.98 40.95 13.42
C GLU C 246 18.77 39.68 12.60
N LEU C 247 17.64 39.00 12.78
CA LEU C 247 17.42 37.70 12.13
C LEU C 247 16.80 37.70 10.73
N ASP C 248 17.32 36.84 9.88
CA ASP C 248 16.71 36.56 8.59
C ASP C 248 15.84 35.30 8.79
N ILE C 249 16.31 34.41 9.67
CA ILE C 249 15.62 33.15 9.99
C ILE C 249 15.65 32.83 11.49
N LEU C 250 14.50 32.40 12.02
CA LEU C 250 14.42 31.95 13.41
C LEU C 250 14.00 30.49 13.42
N TYR C 251 14.94 29.63 13.79
CA TYR C 251 14.74 28.17 13.80
C TYR C 251 14.47 27.61 15.21
N MET C 252 13.25 27.15 15.41
CA MET C 252 12.81 26.60 16.71
C MET C 252 12.83 25.10 16.78
N THR C 253 12.95 24.54 17.98
CA THR C 253 12.92 23.09 18.16
C THR C 253 12.31 22.68 19.49
N ILE C 273 11.14 29.80 24.47
CA ILE C 273 9.74 29.52 24.19
C ILE C 273 9.07 30.72 23.49
N LEU C 274 8.83 30.56 22.19
CA LEU C 274 8.31 31.65 21.35
C LEU C 274 6.84 32.04 21.55
N ARG C 275 6.54 33.28 21.16
CA ARG C 275 5.21 33.87 21.19
C ARG C 275 5.26 34.96 20.13
N SER C 276 4.11 35.46 19.69
CA SER C 276 4.10 36.53 18.68
C SER C 276 4.72 37.80 19.28
N SER C 277 4.37 38.11 20.53
CA SER C 277 4.92 39.28 21.22
C SER C 277 6.43 39.37 21.01
N ASP C 278 7.09 38.21 21.00
CA ASP C 278 8.55 38.13 20.84
C ASP C 278 9.10 38.66 19.52
N LEU C 279 8.29 38.62 18.46
CA LEU C 279 8.76 39.11 17.15
C LEU C 279 8.27 40.50 16.78
N THR C 280 8.08 41.32 17.79
CA THR C 280 7.62 42.70 17.60
C THR C 280 8.46 43.52 16.60
N GLY C 281 9.77 43.44 16.71
CA GLY C 281 10.63 44.24 15.84
C GLY C 281 11.32 43.44 14.77
N ALA C 282 10.63 42.42 14.25
CA ALA C 282 11.22 41.56 13.23
C ALA C 282 11.47 42.27 11.90
N ARG C 283 12.47 41.77 11.21
CA ARG C 283 12.87 42.23 9.88
C ARG C 283 11.76 41.77 8.92
N ASP C 284 11.53 42.52 7.84
CA ASP C 284 10.48 42.16 6.88
C ASP C 284 10.64 40.81 6.23
N ASN C 285 11.87 40.38 6.00
CA ASN C 285 12.09 39.11 5.32
C ASN C 285 12.20 37.94 6.28
N LEU C 286 11.96 38.17 7.56
CA LEU C 286 12.09 37.11 8.57
C LEU C 286 11.21 35.91 8.31
N LYS C 287 11.68 34.72 8.69
CA LYS C 287 10.87 33.52 8.64
C LYS C 287 11.17 32.67 9.87
N VAL C 288 10.10 32.24 10.53
CA VAL C 288 10.19 31.33 11.67
C VAL C 288 10.05 29.93 11.08
N LEU C 289 10.92 29.02 11.53
CA LEU C 289 10.93 27.65 11.08
C LEU C 289 10.95 26.70 12.27
N HIS C 290 10.44 25.50 12.03
CA HIS C 290 10.40 24.44 13.02
C HIS C 290 10.18 23.15 12.24
N PRO C 291 10.99 22.12 12.50
CA PRO C 291 10.87 20.87 11.77
C PRO C 291 9.58 20.11 12.04
N LEU C 292 9.00 20.31 13.22
CA LEU C 292 7.77 19.62 13.67
C LEU C 292 8.11 18.15 13.95
N PRO C 293 7.24 17.41 14.70
CA PRO C 293 5.97 17.78 15.34
C PRO C 293 6.14 18.64 16.60
N ARG C 294 5.66 19.89 16.55
CA ARG C 294 5.71 20.79 17.70
C ARG C 294 4.68 20.38 18.76
N ILE C 295 4.87 20.89 19.97
CA ILE C 295 3.96 20.65 21.09
C ILE C 295 3.63 21.96 21.81
N ASP C 296 4.55 22.46 22.64
CA ASP C 296 4.39 23.72 23.37
C ASP C 296 5.37 24.81 22.92
N GLU C 297 6.49 24.43 22.30
CA GLU C 297 7.55 25.38 21.94
C GLU C 297 7.07 26.68 21.28
N ILE C 298 6.15 26.55 20.33
CA ILE C 298 5.64 27.69 19.59
C ILE C 298 4.15 27.81 19.87
N THR C 299 3.71 29.02 20.19
CA THR C 299 2.30 29.24 20.47
C THR C 299 1.54 29.34 19.17
N THR C 300 0.23 29.15 19.26
CA THR C 300 -0.61 29.18 18.07
C THR C 300 -0.84 30.60 17.54
N ASP C 301 -0.61 31.62 18.35
CA ASP C 301 -0.78 32.98 17.84
C ASP C 301 0.35 33.33 16.87
N VAL C 302 1.40 32.53 16.82
CA VAL C 302 2.50 32.78 15.89
C VAL C 302 2.12 32.30 14.48
N ASP C 303 1.23 31.31 14.42
CA ASP C 303 0.71 30.77 13.14
C ASP C 303 0.07 31.90 12.32
N LYS C 304 -0.49 32.85 13.05
CA LYS C 304 -1.17 34.00 12.49
C LYS C 304 -0.17 35.01 11.93
N THR C 305 1.00 35.10 12.54
CA THR C 305 2.00 36.08 12.12
C THR C 305 2.38 35.88 10.66
N PRO C 306 2.95 36.93 10.02
CA PRO C 306 3.41 36.86 8.63
C PRO C 306 4.81 36.24 8.43
N TYR C 307 5.49 35.91 9.54
CA TYR C 307 6.82 35.29 9.49
C TYR C 307 6.71 33.76 9.60
N ALA C 308 5.47 33.32 9.83
CA ALA C 308 5.11 31.91 9.96
C ALA C 308 5.46 31.17 8.69
N TYR C 309 6.28 30.12 8.80
CA TYR C 309 6.65 29.36 7.61
C TYR C 309 6.93 27.86 7.86
N TYR C 310 6.50 27.33 9.00
CA TYR C 310 6.78 25.92 9.32
C TYR C 310 5.94 24.92 8.53
N PHE C 311 4.72 25.32 8.17
CA PHE C 311 3.87 24.46 7.35
C PHE C 311 4.37 24.54 5.91
N GLN C 312 4.64 25.76 5.42
CA GLN C 312 5.19 25.92 4.07
C GLN C 312 6.49 25.12 3.97
N GLN C 313 7.29 25.17 5.04
CA GLN C 313 8.54 24.43 5.19
C GLN C 313 8.26 22.94 5.04
N ALA C 314 7.22 22.47 5.72
CA ALA C 314 6.84 21.06 5.68
C ALA C 314 6.37 20.67 4.25
N GLY C 315 5.52 21.51 3.67
CA GLY C 315 5.06 21.32 2.30
C GLY C 315 6.23 21.30 1.31
N ASN C 316 7.33 21.94 1.67
CA ASN C 316 8.53 21.96 0.83
C ASN C 316 9.26 20.63 0.81
N GLY C 317 8.85 19.69 1.67
CA GLY C 317 9.47 18.38 1.70
C GLY C 317 9.23 17.67 0.38
N ILE C 318 8.07 17.91 -0.21
CA ILE C 318 7.77 17.29 -1.45
C ILE C 318 8.78 17.63 -2.53
N PHE C 319 9.12 18.90 -2.65
CA PHE C 319 10.03 19.31 -3.70
C PHE C 319 11.46 18.92 -3.39
N ALA C 320 11.87 19.01 -2.14
CA ALA C 320 13.20 18.62 -1.75
C ALA C 320 13.39 17.11 -1.94
N ARG C 321 12.39 16.32 -1.58
CA ARG C 321 12.51 14.91 -1.77
C ARG C 321 12.34 14.44 -3.24
N GLN C 322 11.44 15.07 -4.01
CA GLN C 322 11.35 14.78 -5.45
C GLN C 322 12.69 15.07 -6.11
N ALA C 323 13.28 16.19 -5.76
CA ALA C 323 14.55 16.60 -6.36
C ALA C 323 15.62 15.53 -6.14
N LEU C 324 15.70 15.03 -4.90
CA LEU C 324 16.66 13.98 -4.56
C LEU C 324 16.45 12.76 -5.42
N LEU C 325 15.22 12.27 -5.49
CA LEU C 325 14.91 11.09 -6.27
C LEU C 325 15.12 11.27 -7.79
N ALA C 326 14.77 12.44 -8.28
CA ALA C 326 14.94 12.74 -9.72
C ALA C 326 16.44 12.70 -10.06
N LEU C 327 17.25 13.38 -9.27
CA LEU C 327 18.70 13.42 -9.49
C LEU C 327 19.35 12.05 -9.41
N VAL C 328 18.86 11.22 -8.49
CA VAL C 328 19.43 9.89 -8.31
C VAL C 328 19.08 8.94 -9.45
N LEU C 329 17.91 9.14 -10.02
CA LEU C 329 17.45 8.25 -11.04
C LEU C 329 17.58 8.76 -12.49
N ASN C 330 17.86 10.05 -12.70
CA ASN C 330 18.03 10.58 -14.08
C ASN C 330 19.38 11.21 -14.30
N ALA C 331 20.04 10.83 -15.39
CA ALA C 331 21.33 11.45 -15.74
C ALA C 331 21.16 12.98 -15.86
N GLU C 332 20.13 13.47 -16.56
CA GLU C 332 19.87 14.92 -16.59
C GLU C 332 18.40 15.28 -16.82
#